data_6UNJ
#
_entry.id   6UNJ
#
_cell.length_a   152.989
_cell.length_b   98.080
_cell.length_c   93.429
_cell.angle_alpha   90.000
_cell.angle_beta   124.040
_cell.angle_gamma   90.000
#
_symmetry.space_group_name_H-M   'C 1 2 1'
#
loop_
_entity.id
_entity.type
_entity.pdbx_description
1 polymer 'Cytochrome P450 3A4'
2 non-polymer 'PROTOPORPHYRIN IX CONTAINING FE'
3 non-polymer 'tert-butyl [(2R)-1-(naphthalen-1-yl)-3-{[(2S)-1-oxo-3-phenyl-1-{[2-(pyridin-3-yl)ethyl]amino}propan-2-yl]sulfanyl}propan-2-yl]carbamate'
#
_entity_poly.entity_id   1
_entity_poly.type   'polypeptide(L)'
_entity_poly.pdbx_seq_one_letter_code
;MAYLYGTHSHGLFKKLGIPGPTPLPFLGNILSYHKGFCMFDMECHKKYGKVWGFYDGQQPVLAITDPDMIKTVLVKECYS
VFTNRRPFGPVGFMKSAISIAEDEEWKRLRSLLSPTFTSGKLKEMVPIIAQYGDVLVRNLRREAETGKPVTLKDVFGAYS
MDVITSTSFGVNIDSLNNPQDPFVENTKKLLRFDFLDPFFLSITVFPFLIPILEVLNICVFPREVTNFLRKSVKRMKESR
LEDTQKHRVDFLQLMIDSQNSKETESHKALSDLELVAQSIIFIFAGYETTSSVLSFIMYELATHPDVQQKLQEEIDAVLP
NKAPPTYDTVLQMEYLDMVVNETLRLFPIAMRLERVCKKDVEINGMFIPKGVVVMIPSYALHRDPKYWTEPEKFLPERFS
KKNKDNIDPYIYTPFGSGPRNCIGMRFALMNMKLALIRVLQNFSFKPCKETQIPLKLSLGGLLQPEKPVVLKVESRDGTV
SGAHHHH
;
_entity_poly.pdbx_strand_id   A,B
#
loop_
_chem_comp.id
_chem_comp.type
_chem_comp.name
_chem_comp.formula
HEM non-polymer 'PROTOPORPHYRIN IX CONTAINING FE' 'C34 H32 Fe N4 O4'
QDY non-polymer 'tert-butyl [(2R)-1-(naphthalen-1-yl)-3-{[(2S)-1-oxo-3-phenyl-1-{[2-(pyridin-3-yl)ethyl]amino}propan-2-yl]sulfanyl}propan-2-yl]carbamate' 'C34 H39 N3 O3 S'
#
# COMPACT_ATOMS: atom_id res chain seq x y z
N SER A 9 36.27 26.58 -3.01
CA SER A 9 35.06 25.78 -2.80
C SER A 9 35.23 24.83 -1.62
N HIS A 10 36.47 24.68 -1.17
CA HIS A 10 36.78 23.82 -0.03
C HIS A 10 36.67 24.55 1.31
N GLY A 11 35.95 25.68 1.34
CA GLY A 11 35.81 26.42 2.58
C GLY A 11 34.36 26.70 2.97
N LEU A 12 33.43 25.90 2.45
CA LEU A 12 32.02 26.13 2.76
C LEU A 12 31.70 25.78 4.21
N PHE A 13 32.19 24.63 4.68
CA PHE A 13 31.89 24.21 6.04
C PHE A 13 32.62 25.06 7.07
N LYS A 14 33.82 25.55 6.72
CA LYS A 14 34.48 26.54 7.58
C LYS A 14 33.62 27.79 7.70
N LYS A 15 32.95 28.19 6.62
CA LYS A 15 32.07 29.35 6.65
C LYS A 15 30.88 29.13 7.57
N LEU A 16 30.18 28.01 7.38
CA LEU A 16 28.96 27.75 8.15
C LEU A 16 29.24 27.36 9.60
N GLY A 17 30.49 27.32 10.02
CA GLY A 17 30.80 26.91 11.38
C GLY A 17 30.50 25.46 11.65
N ILE A 18 30.58 24.61 10.64
CA ILE A 18 30.33 23.18 10.74
C ILE A 18 31.68 22.46 10.73
N PRO A 19 32.05 21.75 11.78
CA PRO A 19 33.38 21.14 11.85
C PRO A 19 33.56 20.03 10.83
N GLY A 20 34.82 19.62 10.67
CA GLY A 20 35.18 18.56 9.74
C GLY A 20 36.67 18.51 9.47
N PRO A 21 37.14 17.39 8.92
CA PRO A 21 38.57 17.26 8.62
C PRO A 21 38.99 18.17 7.48
N THR A 22 40.20 18.69 7.59
CA THR A 22 40.70 19.62 6.58
C THR A 22 40.87 18.91 5.24
N PRO A 23 40.37 19.48 4.15
CA PRO A 23 40.51 18.82 2.85
C PRO A 23 41.78 19.23 2.12
N LEU A 24 42.43 18.24 1.53
CA LEU A 24 43.50 18.54 0.60
C LEU A 24 42.89 19.04 -0.70
N PRO A 25 43.59 19.89 -1.43
CA PRO A 25 43.04 20.41 -2.70
C PRO A 25 42.78 19.31 -3.71
N PHE A 26 41.72 19.51 -4.50
CA PHE A 26 41.27 18.54 -5.49
C PHE A 26 40.72 17.27 -4.82
N LEU A 27 41.52 16.63 -3.96
CA LEU A 27 41.11 15.37 -3.37
C LEU A 27 40.05 15.54 -2.28
N GLY A 28 40.03 16.68 -1.62
CA GLY A 28 39.08 16.82 -0.53
C GLY A 28 39.54 15.96 0.62
N ASN A 29 38.68 15.03 1.03
CA ASN A 29 38.95 14.17 2.18
C ASN A 29 38.94 12.69 1.81
N ILE A 30 39.03 12.36 0.51
CA ILE A 30 38.92 10.97 0.10
C ILE A 30 40.05 10.11 0.63
N LEU A 31 41.17 10.72 0.99
CA LEU A 31 42.29 9.94 1.51
C LEU A 31 41.96 9.32 2.86
N SER A 32 40.97 9.84 3.57
CA SER A 32 40.52 9.20 4.79
C SER A 32 39.73 7.92 4.54
N TYR A 33 39.41 7.62 3.28
CA TYR A 33 38.67 6.41 2.92
C TYR A 33 39.54 5.16 2.85
N HIS A 34 40.79 5.23 3.33
CA HIS A 34 41.68 4.08 3.28
C HIS A 34 41.17 2.93 4.13
N LYS A 35 40.48 3.23 5.23
CA LYS A 35 39.84 2.23 6.07
C LYS A 35 38.37 2.03 5.72
N GLY A 36 37.93 2.52 4.57
CA GLY A 36 36.57 2.37 4.14
C GLY A 36 35.66 3.49 4.63
N PHE A 37 34.50 3.60 3.98
CA PHE A 37 33.51 4.60 4.37
C PHE A 37 33.25 4.56 5.87
N CYS A 38 33.03 3.36 6.41
CA CYS A 38 32.41 3.22 7.71
C CYS A 38 33.35 3.63 8.84
N MET A 39 34.61 3.18 8.77
CA MET A 39 35.55 3.56 9.82
C MET A 39 35.75 5.06 9.85
N PHE A 40 35.71 5.71 8.69
CA PHE A 40 35.82 7.16 8.62
C PHE A 40 34.60 7.84 9.23
N ASP A 41 33.40 7.29 8.99
CA ASP A 41 32.19 7.90 9.53
C ASP A 41 32.13 7.75 11.04
N MET A 42 32.56 6.61 11.58
CA MET A 42 32.59 6.44 13.04
C MET A 42 33.60 7.38 13.67
N GLU A 43 34.79 7.52 13.07
CA GLU A 43 35.80 8.42 13.61
C GLU A 43 35.26 9.84 13.74
N CYS A 44 34.75 10.40 12.64
CA CYS A 44 34.25 11.76 12.65
C CYS A 44 33.05 11.93 13.58
N HIS A 45 32.18 10.92 13.67
CA HIS A 45 31.05 11.01 14.59
C HIS A 45 31.54 11.18 16.02
N LYS A 46 32.67 10.56 16.35
CA LYS A 46 33.29 10.78 17.65
C LYS A 46 34.12 12.05 17.67
N LYS A 47 34.84 12.34 16.58
CA LYS A 47 35.78 13.46 16.56
C LYS A 47 35.08 14.80 16.59
N TYR A 48 33.91 14.91 15.96
CA TYR A 48 33.27 16.21 15.79
C TYR A 48 31.89 16.31 16.43
N GLY A 49 31.10 15.24 16.44
CA GLY A 49 29.81 15.32 17.13
C GLY A 49 28.56 14.99 16.33
N LYS A 50 27.50 15.80 16.49
CA LYS A 50 26.20 15.44 15.91
C LYS A 50 26.09 15.81 14.45
N VAL A 51 26.87 16.80 14.00
CA VAL A 51 26.79 17.33 12.63
C VAL A 51 28.19 17.75 12.22
N TRP A 52 28.61 17.30 11.05
CA TRP A 52 29.93 17.64 10.53
C TRP A 52 29.90 17.57 9.00
N GLY A 53 30.95 18.09 8.38
CA GLY A 53 31.01 18.16 6.94
C GLY A 53 32.39 17.83 6.41
N PHE A 54 32.41 17.17 5.26
CA PHE A 54 33.67 16.84 4.59
C PHE A 54 33.49 17.08 3.09
N TYR A 55 34.38 16.50 2.28
CA TYR A 55 34.34 16.75 0.84
C TYR A 55 34.72 15.50 0.09
N ASP A 56 33.93 15.16 -0.93
CA ASP A 56 34.25 14.09 -1.87
C ASP A 56 34.67 14.79 -3.17
N GLY A 57 35.91 15.27 -3.18
CA GLY A 57 36.39 16.13 -4.25
C GLY A 57 35.94 17.57 -4.02
N GLN A 58 35.04 18.06 -4.85
CA GLN A 58 34.47 19.38 -4.67
C GLN A 58 33.00 19.33 -4.26
N GLN A 59 32.48 18.14 -3.96
CA GLN A 59 31.12 17.96 -3.48
C GLN A 59 31.12 17.91 -1.96
N PRO A 60 30.73 18.99 -1.28
CA PRO A 60 30.62 18.94 0.17
C PRO A 60 29.53 17.98 0.61
N VAL A 61 29.73 17.37 1.76
CA VAL A 61 28.80 16.41 2.31
C VAL A 61 28.50 16.83 3.74
N LEU A 62 27.22 17.02 4.04
CA LEU A 62 26.78 17.34 5.40
C LEU A 62 26.25 16.07 6.03
N ALA A 63 27.02 15.53 6.97
CA ALA A 63 26.60 14.39 7.77
C ALA A 63 25.75 14.87 8.94
N ILE A 64 24.58 14.28 9.11
CA ILE A 64 23.67 14.64 10.19
C ILE A 64 23.29 13.37 10.94
N THR A 65 23.27 13.46 12.28
CA THR A 65 22.91 12.34 13.12
C THR A 65 21.74 12.65 14.04
N ASP A 66 21.10 13.81 13.86
CA ASP A 66 19.98 14.21 14.69
C ASP A 66 18.71 13.55 14.18
N PRO A 67 18.05 12.70 14.97
CA PRO A 67 16.83 12.02 14.49
C PRO A 67 15.78 12.96 13.91
N ASP A 68 15.52 14.09 14.56
CA ASP A 68 14.62 15.08 14.00
C ASP A 68 15.10 15.54 12.63
N MET A 69 16.39 15.90 12.54
CA MET A 69 16.95 16.34 11.27
C MET A 69 16.91 15.22 10.23
N ILE A 70 17.12 13.98 10.67
CA ILE A 70 17.03 12.84 9.76
C ILE A 70 15.60 12.65 9.28
N LYS A 71 14.63 12.76 10.20
CA LYS A 71 13.24 12.61 9.80
C LYS A 71 12.81 13.71 8.84
N THR A 72 13.31 14.94 9.08
CA THR A 72 12.98 16.07 8.22
C THR A 72 13.48 15.85 6.80
N VAL A 73 14.67 15.28 6.66
CA VAL A 73 15.25 15.09 5.33
C VAL A 73 14.66 13.88 4.64
N LEU A 74 14.49 12.78 5.37
CA LEU A 74 13.99 11.57 4.73
C LEU A 74 12.49 11.61 4.52
N VAL A 75 11.74 12.18 5.46
CA VAL A 75 10.29 12.05 5.50
C VAL A 75 9.59 13.39 5.26
N LYS A 76 9.97 14.42 6.01
CA LYS A 76 9.24 15.68 5.94
C LYS A 76 9.54 16.43 4.65
N GLU A 77 10.77 16.89 4.49
CA GLU A 77 11.11 17.77 3.38
C GLU A 77 11.59 16.95 2.19
N CYS A 78 10.98 15.80 1.95
CA CYS A 78 11.44 14.96 0.86
C CYS A 78 11.02 15.52 -0.49
N TYR A 79 9.72 15.70 -0.70
CA TYR A 79 9.24 16.07 -2.02
C TYR A 79 9.70 17.45 -2.45
N SER A 80 9.94 18.34 -1.49
CA SER A 80 10.27 19.72 -1.84
C SER A 80 11.76 19.94 -2.04
N VAL A 81 12.61 19.32 -1.22
CA VAL A 81 14.04 19.65 -1.19
C VAL A 81 14.90 18.42 -1.44
N PHE A 82 14.77 17.42 -0.57
CA PHE A 82 15.68 16.27 -0.57
C PHE A 82 15.08 15.11 -1.37
N THR A 83 14.81 15.38 -2.64
CA THR A 83 14.14 14.41 -3.50
C THR A 83 15.10 13.40 -4.12
N ASN A 84 16.28 13.82 -4.55
CA ASN A 84 17.15 12.98 -5.37
C ASN A 84 18.40 12.54 -4.60
N ARG A 85 18.88 11.35 -4.94
CA ARG A 85 20.15 10.87 -4.44
C ARG A 85 21.31 11.53 -5.18
N ARG A 86 22.52 11.30 -4.69
CA ARG A 86 23.71 11.81 -5.33
C ARG A 86 23.85 11.21 -6.74
N PRO A 87 24.14 12.02 -7.76
CA PRO A 87 24.11 11.51 -9.13
C PRO A 87 25.14 10.41 -9.38
N PHE A 88 24.83 9.55 -10.36
CA PHE A 88 25.50 8.26 -10.54
C PHE A 88 25.70 8.05 -12.04
N GLY A 89 26.95 8.16 -12.50
CA GLY A 89 27.26 8.03 -13.91
C GLY A 89 28.71 7.68 -14.16
N PRO A 90 29.03 7.25 -15.40
CA PRO A 90 28.05 7.11 -16.49
C PRO A 90 27.23 5.84 -16.39
N VAL A 91 25.97 5.92 -16.84
CA VAL A 91 25.08 4.78 -16.76
C VAL A 91 24.41 4.46 -18.10
N GLY A 92 24.47 5.33 -19.09
CA GLY A 92 23.87 5.00 -20.37
C GLY A 92 22.35 4.99 -20.33
N PHE A 93 21.74 3.86 -20.73
CA PHE A 93 20.29 3.76 -20.76
C PHE A 93 19.70 3.44 -19.38
N MET A 94 20.52 3.16 -18.39
CA MET A 94 20.03 2.93 -17.04
C MET A 94 19.70 4.22 -16.31
N LYS A 95 19.72 5.36 -17.00
CA LYS A 95 19.33 6.61 -16.36
C LYS A 95 17.87 6.62 -15.96
N SER A 96 17.05 5.79 -16.60
CA SER A 96 15.63 5.71 -16.31
CA SER A 96 15.62 5.71 -16.30
C SER A 96 15.31 4.73 -15.18
N ALA A 97 16.31 4.05 -14.63
CA ALA A 97 16.07 3.18 -13.49
C ALA A 97 15.57 4.00 -12.31
N ILE A 98 14.53 3.49 -11.65
CA ILE A 98 13.82 4.30 -10.66
C ILE A 98 14.78 4.83 -9.61
N SER A 99 15.72 3.99 -9.16
CA SER A 99 16.57 4.37 -8.04
C SER A 99 17.55 5.48 -8.41
N ILE A 100 17.88 5.61 -9.69
CA ILE A 100 18.66 6.76 -10.15
C ILE A 100 17.77 7.92 -10.57
N ALA A 101 16.54 7.64 -11.00
CA ALA A 101 15.71 8.66 -11.64
C ALA A 101 15.43 9.83 -10.69
N GLU A 102 15.17 10.99 -11.26
CA GLU A 102 15.07 12.22 -10.50
C GLU A 102 13.74 12.94 -10.76
N ASP A 103 13.33 13.72 -9.76
CA ASP A 103 12.26 14.72 -9.85
C ASP A 103 10.98 14.05 -10.36
N GLU A 104 10.35 14.57 -11.42
CA GLU A 104 9.03 14.08 -11.80
C GLU A 104 9.09 12.69 -12.44
N GLU A 105 10.19 12.37 -13.13
CA GLU A 105 10.29 11.06 -13.76
C GLU A 105 10.40 9.95 -12.72
N TRP A 106 10.97 10.25 -11.55
CA TRP A 106 11.00 9.26 -10.48
C TRP A 106 9.62 9.04 -9.89
N LYS A 107 8.91 10.13 -9.58
CA LYS A 107 7.57 10.01 -9.02
C LYS A 107 6.66 9.20 -9.94
N ARG A 108 6.76 9.45 -11.25
CA ARG A 108 5.98 8.68 -12.21
C ARG A 108 6.31 7.19 -12.13
N LEU A 109 7.59 6.85 -11.98
CA LEU A 109 7.96 5.44 -11.93
C LEU A 109 7.63 4.82 -10.57
N ARG A 110 7.82 5.58 -9.48
CA ARG A 110 7.63 5.03 -8.14
C ARG A 110 6.18 4.60 -7.93
N SER A 111 5.23 5.44 -8.34
CA SER A 111 3.83 5.05 -8.26
C SER A 111 3.54 3.91 -9.21
N LEU A 112 4.18 3.91 -10.38
CA LEU A 112 3.98 2.86 -11.37
C LEU A 112 4.37 1.48 -10.84
N LEU A 113 5.22 1.42 -9.83
CA LEU A 113 5.69 0.14 -9.30
C LEU A 113 5.30 -0.13 -7.86
N SER A 114 4.78 0.86 -7.13
CA SER A 114 4.36 0.63 -5.75
C SER A 114 3.37 -0.53 -5.61
N PRO A 115 2.36 -0.72 -6.48
CA PRO A 115 1.44 -1.84 -6.29
C PRO A 115 2.05 -3.19 -6.59
N THR A 116 3.37 -3.24 -6.83
CA THR A 116 4.01 -4.53 -7.06
C THR A 116 4.00 -5.39 -5.80
N PHE A 117 4.30 -4.80 -4.66
CA PHE A 117 4.49 -5.53 -3.41
C PHE A 117 3.40 -5.25 -2.38
N THR A 118 2.14 -5.25 -2.80
CA THR A 118 1.07 -5.11 -1.83
C THR A 118 0.90 -6.40 -1.04
N SER A 119 0.33 -6.28 0.16
CA SER A 119 0.12 -7.46 0.99
C SER A 119 -0.74 -8.49 0.27
N GLY A 120 -1.60 -8.06 -0.65
CA GLY A 120 -2.28 -9.01 -1.51
C GLY A 120 -1.35 -9.66 -2.51
N LYS A 121 -0.44 -8.88 -3.08
CA LYS A 121 0.50 -9.43 -4.05
C LYS A 121 1.58 -10.26 -3.38
N LEU A 122 2.02 -9.84 -2.18
CA LEU A 122 3.05 -10.59 -1.46
C LEU A 122 2.53 -11.93 -0.98
N LYS A 123 1.24 -11.98 -0.62
CA LYS A 123 0.65 -13.25 -0.20
C LYS A 123 0.59 -14.22 -1.38
N GLU A 124 0.33 -13.70 -2.59
CA GLU A 124 0.28 -14.57 -3.76
C GLU A 124 1.63 -15.22 -4.04
N MET A 125 2.73 -14.60 -3.60
CA MET A 125 4.07 -15.12 -3.89
C MET A 125 4.53 -16.20 -2.93
N VAL A 126 3.80 -16.42 -1.82
CA VAL A 126 4.22 -17.43 -0.84
C VAL A 126 4.18 -18.84 -1.42
N PRO A 127 3.13 -19.26 -2.14
CA PRO A 127 3.17 -20.60 -2.76
C PRO A 127 4.26 -20.74 -3.81
N ILE A 128 4.68 -19.63 -4.43
CA ILE A 128 5.76 -19.71 -5.41
C ILE A 128 7.11 -19.85 -4.71
N ILE A 129 7.36 -19.01 -3.70
CA ILE A 129 8.60 -19.09 -2.94
C ILE A 129 8.71 -20.42 -2.21
N ALA A 130 7.58 -21.06 -1.93
CA ALA A 130 7.60 -22.33 -1.20
C ALA A 130 8.24 -23.45 -2.02
N GLN A 131 8.21 -23.35 -3.35
CA GLN A 131 8.84 -24.38 -4.18
C GLN A 131 10.35 -24.39 -3.98
N TYR A 132 11.00 -23.25 -4.27
CA TYR A 132 12.45 -23.18 -4.23
C TYR A 132 13.02 -23.30 -2.82
N GLY A 133 12.17 -23.25 -1.78
CA GLY A 133 12.66 -23.52 -0.45
C GLY A 133 13.10 -24.95 -0.27
N ASP A 134 12.45 -25.88 -0.98
CA ASP A 134 12.84 -27.28 -0.91
C ASP A 134 14.08 -27.57 -1.74
N VAL A 135 14.21 -26.92 -2.91
CA VAL A 135 15.42 -27.06 -3.70
C VAL A 135 16.62 -26.56 -2.91
N LEU A 136 16.42 -25.57 -2.03
CA LEU A 136 17.50 -25.10 -1.17
C LEU A 136 17.90 -26.17 -0.16
N VAL A 137 16.93 -26.90 0.39
CA VAL A 137 17.24 -27.95 1.34
C VAL A 137 17.99 -29.08 0.66
N ARG A 138 17.51 -29.49 -0.52
CA ARG A 138 18.14 -30.58 -1.25
C ARG A 138 19.57 -30.21 -1.65
N ASN A 139 19.75 -29.02 -2.24
CA ASN A 139 21.10 -28.56 -2.55
C ASN A 139 21.96 -28.42 -1.30
N LEU A 140 21.34 -28.21 -0.13
CA LEU A 140 22.08 -28.21 1.13
C LEU A 140 22.36 -29.61 1.62
N ARG A 141 21.40 -30.53 1.44
CA ARG A 141 21.57 -31.90 1.92
C ARG A 141 22.72 -32.61 1.21
N ARG A 142 22.98 -32.27 -0.05
CA ARG A 142 24.13 -32.83 -0.76
C ARG A 142 25.43 -32.42 -0.07
N GLU A 143 25.66 -31.11 0.04
CA GLU A 143 26.84 -30.61 0.75
C GLU A 143 26.77 -30.83 2.25
N ALA A 144 25.71 -31.46 2.76
CA ALA A 144 25.62 -31.85 4.16
C ALA A 144 25.91 -33.32 4.38
N GLU A 145 25.45 -34.19 3.47
CA GLU A 145 25.79 -35.60 3.56
C GLU A 145 27.27 -35.84 3.28
N THR A 146 27.92 -34.94 2.56
CA THR A 146 29.36 -34.96 2.37
C THR A 146 29.82 -33.80 3.24
N GLY A 147 30.61 -34.12 4.27
CA GLY A 147 31.04 -33.12 5.24
C GLY A 147 32.01 -32.24 4.49
N LYS A 148 31.47 -31.23 3.80
CA LYS A 148 32.24 -30.30 3.00
C LYS A 148 31.76 -28.91 3.34
N PRO A 149 32.66 -28.03 3.82
CA PRO A 149 32.24 -26.65 4.11
C PRO A 149 31.52 -26.01 2.93
N VAL A 150 30.44 -25.31 3.23
CA VAL A 150 29.52 -24.77 2.24
C VAL A 150 29.73 -23.27 2.17
N THR A 151 29.92 -22.76 0.95
CA THR A 151 29.93 -21.33 0.71
C THR A 151 28.48 -20.86 0.65
N LEU A 152 28.02 -20.19 1.70
CA LEU A 152 26.61 -19.87 1.81
C LEU A 152 26.14 -18.94 0.70
N LYS A 153 26.98 -17.98 0.32
CA LYS A 153 26.57 -17.01 -0.69
C LYS A 153 26.31 -17.68 -2.04
N ASP A 154 27.05 -18.74 -2.37
CA ASP A 154 26.79 -19.45 -3.63
C ASP A 154 25.42 -20.12 -3.62
N VAL A 155 25.08 -20.77 -2.51
CA VAL A 155 23.82 -21.51 -2.47
C VAL A 155 22.65 -20.60 -2.15
N PHE A 156 22.86 -19.57 -1.32
CA PHE A 156 21.82 -18.56 -1.11
C PHE A 156 21.58 -17.77 -2.38
N GLY A 157 22.67 -17.36 -3.05
CA GLY A 157 22.52 -16.68 -4.33
C GLY A 157 21.81 -17.53 -5.36
N ALA A 158 22.08 -18.83 -5.37
CA ALA A 158 21.35 -19.74 -6.25
C ALA A 158 19.87 -19.77 -5.90
N TYR A 159 19.53 -19.50 -4.64
CA TYR A 159 18.13 -19.52 -4.22
C TYR A 159 17.42 -18.21 -4.53
N SER A 160 18.02 -17.08 -4.14
CA SER A 160 17.38 -15.79 -4.36
C SER A 160 17.17 -15.50 -5.83
N MET A 161 18.04 -16.03 -6.69
CA MET A 161 17.88 -15.83 -8.13
C MET A 161 16.62 -16.49 -8.64
N ASP A 162 16.39 -17.75 -8.26
CA ASP A 162 15.19 -18.46 -8.69
C ASP A 162 13.92 -17.79 -8.19
N VAL A 163 13.97 -17.15 -7.03
CA VAL A 163 12.77 -16.55 -6.45
C VAL A 163 12.43 -15.24 -7.15
N ILE A 164 13.41 -14.37 -7.37
CA ILE A 164 13.12 -13.08 -7.96
C ILE A 164 12.74 -13.22 -9.42
N THR A 165 13.20 -14.27 -10.10
CA THR A 165 12.89 -14.42 -11.52
C THR A 165 11.42 -14.77 -11.74
N SER A 166 10.83 -15.57 -10.83
CA SER A 166 9.46 -15.99 -11.01
C SER A 166 8.46 -15.01 -10.39
N THR A 167 8.79 -14.43 -9.24
CA THR A 167 7.87 -13.51 -8.56
C THR A 167 7.60 -12.24 -9.36
N SER A 168 8.50 -11.89 -10.29
CA SER A 168 8.36 -10.68 -11.08
C SER A 168 8.18 -10.94 -12.57
N PHE A 169 8.64 -12.08 -13.05
CA PHE A 169 8.52 -12.43 -14.47
C PHE A 169 7.70 -13.71 -14.64
N GLY A 170 8.39 -14.85 -14.61
CA GLY A 170 7.73 -16.13 -14.77
C GLY A 170 8.69 -17.23 -15.17
N VAL A 171 9.98 -16.91 -15.17
CA VAL A 171 11.00 -17.88 -15.57
C VAL A 171 11.72 -18.50 -14.38
N ASN A 172 11.96 -19.80 -14.47
CA ASN A 172 12.65 -20.54 -13.42
C ASN A 172 14.01 -21.01 -13.92
N ILE A 173 14.83 -21.51 -13.00
CA ILE A 173 16.15 -22.00 -13.37
C ILE A 173 16.58 -22.79 -12.14
N ASP A 174 17.01 -24.02 -12.34
CA ASP A 174 17.40 -24.89 -11.24
C ASP A 174 18.89 -25.28 -11.12
N SER A 175 19.73 -24.33 -10.72
CA SER A 175 21.15 -24.58 -10.50
C SER A 175 22.13 -24.93 -11.60
N LEU A 176 21.76 -24.56 -12.82
CA LEU A 176 22.58 -24.85 -14.00
C LEU A 176 23.77 -23.89 -14.01
N ASN A 177 24.62 -24.06 -13.00
CA ASN A 177 25.72 -23.14 -12.71
C ASN A 177 26.65 -22.94 -13.89
N ASN A 186 19.80 -14.48 -17.72
CA ASN A 186 19.22 -14.80 -16.42
C ASN A 186 20.11 -15.75 -15.62
N THR A 187 21.17 -16.22 -16.25
CA THR A 187 22.11 -17.13 -15.60
C THR A 187 22.81 -16.52 -14.40
N LYS A 188 22.45 -15.28 -14.06
CA LYS A 188 23.04 -14.57 -12.93
C LYS A 188 24.44 -14.14 -13.37
N LYS A 189 24.55 -13.59 -14.57
CA LYS A 189 25.69 -12.75 -14.90
C LYS A 189 25.67 -11.45 -14.10
N LEU A 190 24.83 -11.40 -13.06
CA LEU A 190 24.79 -10.30 -12.09
C LEU A 190 26.11 -10.50 -11.37
N LEU A 191 27.21 -10.23 -12.07
CA LEU A 191 28.54 -10.38 -11.49
C LEU A 191 29.34 -9.10 -11.65
N ARG A 192 28.66 -8.01 -12.00
CA ARG A 192 29.32 -6.72 -12.18
C ARG A 192 29.11 -5.83 -10.97
N PHE A 193 29.12 -4.52 -11.19
CA PHE A 193 28.93 -3.56 -10.11
C PHE A 193 30.06 -3.66 -9.09
N ASP A 194 31.27 -3.90 -9.57
CA ASP A 194 32.43 -4.03 -8.68
C ASP A 194 32.91 -2.65 -8.21
N PHE A 195 32.46 -2.26 -7.02
CA PHE A 195 32.84 -0.98 -6.45
C PHE A 195 34.20 -1.07 -5.74
N LEU A 196 35.01 -0.03 -5.90
CA LEU A 196 36.33 0.02 -5.29
C LEU A 196 37.17 1.20 -5.73
N ASP A 197 38.48 0.99 -5.83
CA ASP A 197 39.40 2.06 -6.26
C ASP A 197 39.06 2.42 -7.70
N PRO A 198 39.92 3.17 -8.38
CA PRO A 198 39.62 3.53 -9.77
C PRO A 198 38.87 2.45 -10.55
N PHE A 199 38.02 2.86 -11.51
CA PHE A 199 37.90 4.25 -11.94
C PHE A 199 36.80 5.04 -11.22
N PHE A 200 36.33 4.53 -10.09
CA PHE A 200 35.34 5.25 -9.33
C PHE A 200 35.94 6.38 -8.51
N LEU A 201 37.18 6.18 -8.04
CA LEU A 201 37.89 7.26 -7.34
C LEU A 201 38.04 8.49 -8.22
N SER A 202 38.13 8.29 -9.54
CA SER A 202 38.30 9.43 -10.44
C SER A 202 37.00 10.21 -10.57
N ILE A 203 35.88 9.51 -10.75
CA ILE A 203 34.61 10.18 -11.06
C ILE A 203 34.12 10.97 -9.86
N THR A 204 34.09 10.34 -8.69
CA THR A 204 33.58 11.01 -7.49
C THR A 204 34.41 12.23 -7.14
N VAL A 205 35.68 12.23 -7.49
CA VAL A 205 36.58 13.31 -7.12
C VAL A 205 36.73 14.28 -8.29
N PHE A 206 36.58 13.77 -9.52
CA PHE A 206 36.67 14.60 -10.72
C PHE A 206 35.41 14.34 -11.54
N PRO A 207 34.41 15.19 -11.41
CA PRO A 207 33.04 14.79 -11.80
C PRO A 207 32.69 15.13 -13.24
N PHE A 208 33.24 16.21 -13.79
CA PHE A 208 32.83 16.52 -15.15
C PHE A 208 33.40 15.55 -16.18
N LEU A 209 34.11 14.51 -15.74
CA LEU A 209 34.48 13.44 -16.65
C LEU A 209 33.33 12.50 -16.93
N ILE A 210 32.25 12.56 -16.15
CA ILE A 210 31.08 11.73 -16.41
C ILE A 210 30.44 12.06 -17.76
N PRO A 211 30.17 13.32 -18.11
CA PRO A 211 29.61 13.60 -19.45
C PRO A 211 30.51 13.18 -20.59
N ILE A 212 31.82 13.04 -20.34
CA ILE A 212 32.72 12.48 -21.36
C ILE A 212 32.34 11.04 -21.66
N LEU A 213 32.43 10.19 -20.65
CA LEU A 213 32.17 8.77 -20.83
C LEU A 213 30.75 8.51 -21.34
N GLU A 214 29.80 9.40 -21.03
CA GLU A 214 28.42 9.19 -21.47
C GLU A 214 28.32 9.23 -22.98
N VAL A 215 28.97 10.21 -23.63
CA VAL A 215 28.89 10.34 -25.07
C VAL A 215 29.68 9.25 -25.80
N LEU A 216 30.43 8.43 -25.07
CA LEU A 216 31.18 7.33 -25.63
C LEU A 216 30.51 5.98 -25.42
N ASN A 217 29.26 5.96 -24.98
CA ASN A 217 28.56 4.73 -24.58
C ASN A 217 29.33 3.96 -23.51
N ILE A 218 30.26 4.62 -22.81
CA ILE A 218 30.94 4.01 -21.67
C ILE A 218 29.99 3.96 -20.49
N CYS A 219 29.99 2.83 -19.79
CA CYS A 219 28.98 2.55 -18.78
C CYS A 219 29.60 1.79 -17.63
N VAL A 220 29.33 2.23 -16.39
CA VAL A 220 29.84 1.54 -15.22
C VAL A 220 29.27 0.12 -15.12
N PHE A 221 28.19 -0.17 -15.84
CA PHE A 221 27.70 -1.54 -15.97
C PHE A 221 28.26 -2.12 -17.26
N PRO A 222 28.98 -3.24 -17.22
CA PRO A 222 29.62 -3.75 -18.44
C PRO A 222 28.63 -4.06 -19.55
N ARG A 223 29.14 -4.06 -20.79
CA ARG A 223 28.29 -4.29 -21.95
C ARG A 223 27.80 -5.73 -22.00
N GLU A 224 28.58 -6.66 -21.49
CA GLU A 224 28.21 -8.08 -21.50
C GLU A 224 26.93 -8.38 -20.71
N VAL A 225 26.89 -7.93 -19.46
CA VAL A 225 25.74 -8.16 -18.59
C VAL A 225 24.51 -7.43 -19.13
N THR A 226 24.71 -6.25 -19.70
CA THR A 226 23.59 -5.46 -20.22
C THR A 226 22.97 -6.15 -21.43
N ASN A 227 23.72 -6.27 -22.53
CA ASN A 227 23.20 -6.91 -23.74
C ASN A 227 22.68 -8.31 -23.46
N PHE A 228 23.25 -8.99 -22.47
CA PHE A 228 22.71 -10.29 -22.05
C PHE A 228 21.35 -10.12 -21.39
N LEU A 229 21.23 -9.17 -20.47
CA LEU A 229 19.94 -8.88 -19.87
C LEU A 229 19.06 -8.04 -20.78
N ARG A 230 19.65 -7.27 -21.69
CA ARG A 230 18.86 -6.48 -22.63
C ARG A 230 18.03 -7.38 -23.53
N LYS A 231 18.61 -8.49 -24.00
CA LYS A 231 17.86 -9.43 -24.83
C LYS A 231 16.97 -10.33 -23.99
N SER A 232 17.49 -10.84 -22.88
CA SER A 232 16.77 -11.86 -22.11
C SER A 232 15.36 -11.40 -21.76
N VAL A 233 15.19 -10.11 -21.49
CA VAL A 233 13.85 -9.58 -21.19
C VAL A 233 12.95 -9.62 -22.42
N LYS A 234 13.53 -9.61 -23.63
CA LYS A 234 12.71 -9.74 -24.83
C LYS A 234 12.06 -11.11 -24.91
N ARG A 235 12.82 -12.18 -24.62
CA ARG A 235 12.20 -13.49 -24.46
C ARG A 235 11.09 -13.47 -23.43
N MET A 236 11.09 -12.47 -22.53
CA MET A 236 10.00 -12.28 -21.59
C MET A 236 8.93 -11.36 -22.20
N LYS A 237 8.29 -11.88 -23.24
CA LYS A 237 7.00 -11.38 -23.70
C LYS A 237 6.19 -12.53 -24.24
N GLU A 238 6.19 -13.63 -23.48
CA GLU A 238 5.42 -14.81 -23.82
C GLU A 238 3.95 -14.43 -23.98
N SER A 239 3.35 -14.92 -25.06
CA SER A 239 1.98 -14.55 -25.41
C SER A 239 1.00 -15.67 -25.10
N VAL A 249 -1.14 -11.92 -12.42
CA VAL A 249 -0.56 -10.57 -12.48
C VAL A 249 0.88 -10.58 -11.96
N ASP A 250 1.80 -10.15 -12.83
CA ASP A 250 3.22 -10.12 -12.52
C ASP A 250 3.74 -8.70 -12.64
N PHE A 251 4.95 -8.49 -12.13
CA PHE A 251 5.62 -7.20 -12.22
C PHE A 251 5.63 -6.83 -13.69
N LEU A 252 6.25 -7.68 -14.52
CA LEU A 252 6.27 -7.40 -15.95
C LEU A 252 4.86 -7.29 -16.51
N GLN A 253 3.95 -8.15 -16.05
CA GLN A 253 2.56 -8.04 -16.45
C GLN A 253 1.94 -6.73 -15.98
N LEU A 254 2.51 -6.13 -14.93
CA LEU A 254 2.05 -4.84 -14.45
C LEU A 254 2.59 -3.67 -15.28
N MET A 255 3.67 -3.86 -16.04
CA MET A 255 4.28 -2.76 -16.77
C MET A 255 3.67 -2.54 -18.14
N ILE A 256 3.37 -3.61 -18.88
CA ILE A 256 2.71 -3.45 -20.16
C ILE A 256 1.27 -2.98 -19.96
N ASP A 257 0.62 -3.41 -18.88
CA ASP A 257 -0.73 -2.95 -18.58
C ASP A 257 -0.74 -1.46 -18.25
N SER A 258 0.38 -0.94 -17.75
CA SER A 258 0.55 0.50 -17.56
C SER A 258 1.30 1.15 -18.72
N GLN A 259 1.66 0.38 -19.74
CA GLN A 259 2.21 0.89 -20.98
C GLN A 259 1.12 1.06 -22.04
N ASN A 260 0.40 -0.03 -22.35
CA ASN A 260 -0.72 0.00 -23.29
C ASN A 260 -0.32 0.61 -24.63
N ALA A 269 3.14 6.93 -20.42
CA ALA A 269 3.80 6.40 -21.61
C ALA A 269 5.15 5.81 -21.23
N LEU A 270 5.20 4.48 -21.08
CA LEU A 270 6.42 3.77 -20.68
C LEU A 270 7.14 3.23 -21.91
N SER A 271 8.44 3.48 -21.97
CA SER A 271 9.27 3.04 -23.09
C SER A 271 9.55 1.54 -23.01
N ASP A 272 9.84 0.95 -24.17
CA ASP A 272 10.26 -0.45 -24.22
C ASP A 272 11.61 -0.65 -23.53
N LEU A 273 12.48 0.37 -23.62
CA LEU A 273 13.80 0.31 -22.98
C LEU A 273 13.77 0.67 -21.50
N GLU A 274 12.89 1.58 -21.07
CA GLU A 274 12.76 1.87 -19.65
C GLU A 274 12.31 0.62 -18.88
N LEU A 275 11.47 -0.20 -19.51
CA LEU A 275 10.98 -1.41 -18.86
C LEU A 275 12.13 -2.34 -18.49
N VAL A 276 13.15 -2.42 -19.35
CA VAL A 276 14.29 -3.29 -19.09
C VAL A 276 15.13 -2.73 -17.96
N ALA A 277 15.35 -1.41 -17.97
CA ALA A 277 16.11 -0.76 -16.90
C ALA A 277 15.51 -1.05 -15.53
N GLN A 278 14.19 -1.00 -15.42
CA GLN A 278 13.55 -1.35 -14.16
C GLN A 278 13.82 -2.80 -13.80
N SER A 279 13.75 -3.69 -14.79
CA SER A 279 13.94 -5.11 -14.54
C SER A 279 15.31 -5.38 -13.92
N ILE A 280 16.35 -4.82 -14.54
CA ILE A 280 17.72 -4.98 -14.07
C ILE A 280 17.86 -4.53 -12.61
N ILE A 281 17.13 -3.49 -12.20
CA ILE A 281 17.13 -3.05 -10.81
C ILE A 281 16.61 -4.17 -9.90
N PHE A 282 15.52 -4.80 -10.32
CA PHE A 282 14.88 -5.79 -9.46
C PHE A 282 15.71 -7.07 -9.37
N ILE A 283 16.23 -7.54 -10.51
CA ILE A 283 16.99 -8.79 -10.52
C ILE A 283 18.23 -8.68 -9.65
N PHE A 284 18.94 -7.55 -9.76
CA PHE A 284 20.15 -7.36 -8.94
C PHE A 284 19.80 -7.38 -7.47
N ALA A 285 18.93 -6.46 -7.04
CA ALA A 285 18.60 -6.35 -5.62
C ALA A 285 17.96 -7.62 -5.10
N GLY A 286 17.22 -8.34 -5.94
CA GLY A 286 16.64 -9.59 -5.52
C GLY A 286 17.65 -10.70 -5.33
N TYR A 287 18.80 -10.62 -6.00
CA TYR A 287 19.84 -11.64 -5.87
C TYR A 287 20.87 -11.25 -4.82
N GLU A 288 21.53 -10.11 -5.02
CA GLU A 288 22.70 -9.78 -4.21
C GLU A 288 22.30 -9.54 -2.75
N THR A 289 21.35 -8.64 -2.53
CA THR A 289 21.03 -8.24 -1.15
C THR A 289 20.37 -9.37 -0.38
N THR A 290 19.48 -10.13 -1.02
CA THR A 290 18.82 -11.24 -0.32
C THR A 290 19.85 -12.30 0.10
N SER A 291 20.76 -12.66 -0.81
CA SER A 291 21.77 -13.67 -0.51
C SER A 291 22.84 -13.14 0.44
N SER A 292 23.11 -11.84 0.40
CA SER A 292 24.13 -11.28 1.27
C SER A 292 23.66 -11.24 2.72
N VAL A 293 22.45 -10.73 2.96
CA VAL A 293 21.97 -10.63 4.35
C VAL A 293 21.74 -12.02 4.93
N LEU A 294 21.24 -12.95 4.12
CA LEU A 294 21.08 -14.32 4.59
C LEU A 294 22.42 -14.93 4.99
N SER A 295 23.47 -14.67 4.21
CA SER A 295 24.80 -15.16 4.56
C SER A 295 25.28 -14.55 5.87
N PHE A 296 25.23 -13.23 5.99
CA PHE A 296 25.52 -12.56 7.25
C PHE A 296 24.70 -13.15 8.40
N ILE A 297 23.41 -13.44 8.15
CA ILE A 297 22.56 -13.97 9.21
C ILE A 297 23.08 -15.31 9.70
N MET A 298 23.49 -16.19 8.78
CA MET A 298 23.96 -17.51 9.17
C MET A 298 25.26 -17.45 9.96
N TYR A 299 26.18 -16.56 9.57
CA TYR A 299 27.42 -16.40 10.32
C TYR A 299 27.14 -16.03 11.77
N GLU A 300 26.13 -15.18 12.00
CA GLU A 300 25.80 -14.78 13.36
C GLU A 300 25.19 -15.93 14.14
N LEU A 301 24.37 -16.76 13.49
CA LEU A 301 23.72 -17.87 14.21
C LEU A 301 24.71 -18.97 14.57
N ALA A 302 25.75 -19.16 13.76
CA ALA A 302 26.77 -20.15 14.08
C ALA A 302 27.66 -19.68 15.23
N THR A 303 28.09 -18.43 15.20
CA THR A 303 28.91 -17.84 16.26
C THR A 303 28.16 -17.68 17.58
N HIS A 304 26.87 -17.98 17.62
CA HIS A 304 26.08 -17.91 18.85
C HIS A 304 25.14 -19.11 18.87
N PRO A 305 25.63 -20.29 19.27
CA PRO A 305 24.81 -21.50 19.19
C PRO A 305 23.51 -21.43 19.97
N ASP A 306 23.49 -20.69 21.08
CA ASP A 306 22.28 -20.59 21.88
C ASP A 306 21.19 -19.83 21.13
N VAL A 307 21.56 -18.74 20.44
CA VAL A 307 20.59 -17.97 19.68
C VAL A 307 19.96 -18.84 18.59
N GLN A 308 20.76 -19.69 17.95
CA GLN A 308 20.22 -20.57 16.91
C GLN A 308 19.31 -21.63 17.51
N GLN A 309 19.58 -22.07 18.75
CA GLN A 309 18.68 -23.01 19.40
C GLN A 309 17.34 -22.35 19.71
N LYS A 310 17.38 -21.14 20.27
CA LYS A 310 16.13 -20.44 20.60
C LYS A 310 15.31 -20.15 19.36
N LEU A 311 15.97 -19.86 18.24
CA LEU A 311 15.25 -19.59 16.99
C LEU A 311 14.70 -20.88 16.38
N GLN A 312 15.45 -21.99 16.49
CA GLN A 312 14.95 -23.25 15.97
C GLN A 312 13.81 -23.79 16.81
N GLU A 313 13.85 -23.54 18.12
CA GLU A 313 12.75 -23.99 18.97
C GLU A 313 11.45 -23.25 18.66
N GLU A 314 11.54 -21.99 18.22
CA GLU A 314 10.34 -21.24 17.90
C GLU A 314 9.75 -21.68 16.56
N ILE A 315 10.61 -21.98 15.59
CA ILE A 315 10.12 -22.41 14.28
C ILE A 315 9.38 -23.74 14.39
N ASP A 316 9.88 -24.64 15.24
CA ASP A 316 9.17 -25.89 15.50
C ASP A 316 7.89 -25.66 16.29
N ALA A 317 7.80 -24.56 17.04
CA ALA A 317 6.59 -24.24 17.78
C ALA A 317 5.50 -23.67 16.87
N VAL A 318 5.89 -22.87 15.88
CA VAL A 318 4.90 -22.29 14.98
C VAL A 318 4.60 -23.22 13.81
N LEU A 319 5.59 -23.99 13.35
CA LEU A 319 5.43 -24.92 12.23
C LEU A 319 5.96 -26.29 12.61
N PRO A 320 5.22 -27.05 13.40
CA PRO A 320 5.65 -28.40 13.76
C PRO A 320 5.47 -29.38 12.61
N ASN A 321 6.12 -30.54 12.75
CA ASN A 321 6.20 -31.54 11.69
C ASN A 321 6.81 -30.95 10.42
N LYS A 322 7.63 -29.91 10.57
CA LYS A 322 8.13 -29.12 9.45
C LYS A 322 6.97 -28.61 8.59
N ALA A 323 6.01 -27.98 9.27
CA ALA A 323 4.82 -27.50 8.59
C ALA A 323 5.18 -26.41 7.58
N PRO A 324 4.53 -26.36 6.43
CA PRO A 324 4.89 -25.39 5.40
C PRO A 324 4.71 -23.98 5.90
N PRO A 325 5.73 -23.13 5.75
CA PRO A 325 5.60 -21.73 6.20
C PRO A 325 4.67 -20.96 5.28
N THR A 326 3.74 -20.23 5.88
CA THR A 326 2.77 -19.43 5.14
C THR A 326 2.97 -17.96 5.47
N TYR A 327 2.24 -17.11 4.74
CA TYR A 327 2.37 -15.66 4.91
C TYR A 327 2.13 -15.26 6.35
N ASP A 328 1.14 -15.86 7.01
CA ASP A 328 0.73 -15.43 8.34
C ASP A 328 1.62 -16.02 9.42
N THR A 329 2.23 -17.18 9.17
CA THR A 329 3.15 -17.75 10.14
C THR A 329 4.47 -16.98 10.17
N VAL A 330 4.93 -16.51 9.01
CA VAL A 330 6.18 -15.76 8.96
C VAL A 330 6.07 -14.47 9.76
N LEU A 331 4.98 -13.73 9.57
CA LEU A 331 4.79 -12.51 10.35
C LEU A 331 4.57 -12.80 11.82
N GLN A 332 4.22 -14.04 12.17
CA GLN A 332 3.96 -14.39 13.56
C GLN A 332 5.27 -14.57 14.34
N MET A 333 6.30 -15.11 13.71
CA MET A 333 7.55 -15.40 14.40
C MET A 333 8.25 -14.11 14.78
N GLU A 334 8.43 -13.90 16.09
CA GLU A 334 8.99 -12.67 16.62
C GLU A 334 10.50 -12.73 16.84
N TYR A 335 11.03 -13.89 17.25
CA TYR A 335 12.48 -13.99 17.38
C TYR A 335 13.15 -13.98 16.01
N LEU A 336 12.53 -14.64 15.02
CA LEU A 336 13.00 -14.55 13.64
C LEU A 336 13.17 -13.10 13.22
N ASP A 337 12.20 -12.26 13.58
CA ASP A 337 12.29 -10.84 13.25
C ASP A 337 13.41 -10.15 14.02
N MET A 338 13.69 -10.60 15.25
CA MET A 338 14.77 -10.01 16.02
C MET A 338 16.13 -10.43 15.47
N VAL A 339 16.24 -11.66 14.96
CA VAL A 339 17.50 -12.11 14.38
C VAL A 339 17.77 -11.38 13.06
N VAL A 340 16.71 -11.10 12.30
CA VAL A 340 16.89 -10.38 11.03
C VAL A 340 17.33 -8.95 11.29
N ASN A 341 16.74 -8.29 12.28
CA ASN A 341 17.00 -6.87 12.47
C ASN A 341 18.34 -6.63 13.14
N GLU A 342 18.71 -7.45 14.13
CA GLU A 342 20.02 -7.27 14.73
C GLU A 342 21.13 -7.53 13.71
N THR A 343 20.96 -8.52 12.83
CA THR A 343 21.91 -8.70 11.74
C THR A 343 21.95 -7.47 10.85
N LEU A 344 20.79 -6.98 10.43
CA LEU A 344 20.75 -5.77 9.62
C LEU A 344 21.31 -4.57 10.36
N ARG A 345 21.19 -4.54 11.70
CA ARG A 345 21.83 -3.48 12.47
C ARG A 345 23.34 -3.57 12.35
N LEU A 346 23.90 -4.77 12.52
CA LEU A 346 25.35 -4.92 12.48
C LEU A 346 25.92 -4.78 11.07
N PHE A 347 25.12 -5.09 10.04
CA PHE A 347 25.59 -5.07 8.66
C PHE A 347 24.63 -4.29 7.76
N PRO A 348 24.47 -2.98 8.02
CA PRO A 348 23.61 -2.18 7.15
C PRO A 348 24.14 -2.15 5.73
N ILE A 349 23.50 -2.89 4.82
CA ILE A 349 23.91 -2.90 3.43
C ILE A 349 23.79 -1.51 2.82
N ALA A 350 23.38 -0.54 3.63
CA ALA A 350 23.34 0.86 3.22
C ALA A 350 24.61 1.61 3.60
N MET A 351 25.01 1.51 4.88
CA MET A 351 26.18 2.23 5.41
C MET A 351 25.89 3.72 5.47
N ARG A 352 25.46 4.31 4.34
CA ARG A 352 25.02 5.69 4.32
C ARG A 352 23.72 5.83 3.55
N LEU A 353 22.94 6.85 3.94
CA LEU A 353 21.81 7.33 3.16
C LEU A 353 22.12 8.76 2.74
N GLU A 354 21.71 9.12 1.53
CA GLU A 354 22.04 10.43 0.98
C GLU A 354 20.85 11.01 0.24
N ARG A 355 20.74 12.34 0.27
CA ARG A 355 19.80 13.09 -0.54
C ARG A 355 20.48 14.37 -0.98
N VAL A 356 20.27 14.77 -2.22
CA VAL A 356 20.82 16.04 -2.70
C VAL A 356 19.88 17.17 -2.31
N CYS A 357 20.40 18.15 -1.56
CA CYS A 357 19.64 19.34 -1.21
C CYS A 357 19.50 20.23 -2.45
N LYS A 358 18.28 20.37 -2.94
CA LYS A 358 18.04 20.99 -4.24
C LYS A 358 17.78 22.49 -4.18
N LYS A 359 17.69 23.08 -2.99
CA LYS A 359 17.57 24.53 -2.83
C LYS A 359 17.87 24.89 -1.38
N ASP A 360 18.21 26.15 -1.16
CA ASP A 360 18.59 26.59 0.18
C ASP A 360 17.45 26.36 1.17
N VAL A 361 17.81 25.84 2.34
CA VAL A 361 16.86 25.58 3.42
C VAL A 361 17.55 25.82 4.76
N GLU A 362 16.75 25.83 5.82
CA GLU A 362 17.24 25.97 7.19
C GLU A 362 16.47 24.97 8.04
N ILE A 363 16.93 23.73 8.06
CA ILE A 363 16.27 22.67 8.81
C ILE A 363 16.82 22.63 10.22
N ASN A 364 15.93 22.61 11.21
CA ASN A 364 16.29 22.50 12.62
C ASN A 364 17.35 23.51 13.02
N GLY A 365 17.11 24.77 12.67
CA GLY A 365 18.05 25.84 13.01
C GLY A 365 19.41 25.70 12.38
N MET A 366 19.49 25.07 11.22
CA MET A 366 20.77 24.86 10.53
C MET A 366 20.57 25.15 9.05
N PHE A 367 21.15 26.25 8.58
CA PHE A 367 21.08 26.56 7.16
C PHE A 367 21.89 25.55 6.35
N ILE A 368 21.31 25.10 5.25
CA ILE A 368 21.98 24.15 4.36
C ILE A 368 21.90 24.66 2.94
N PRO A 369 23.04 25.00 2.32
CA PRO A 369 22.99 25.60 0.98
C PRO A 369 22.49 24.63 -0.06
N LYS A 370 22.14 25.19 -1.23
CA LYS A 370 21.73 24.37 -2.36
C LYS A 370 22.95 23.68 -2.95
N GLY A 371 22.85 22.37 -3.18
CA GLY A 371 23.91 21.58 -3.76
C GLY A 371 24.57 20.60 -2.80
N VAL A 372 24.55 20.91 -1.51
CA VAL A 372 25.14 20.00 -0.52
C VAL A 372 24.44 18.64 -0.58
N VAL A 373 25.20 17.58 -0.35
CA VAL A 373 24.64 16.24 -0.20
C VAL A 373 24.51 15.98 1.30
N VAL A 374 23.27 16.03 1.80
CA VAL A 374 23.02 15.62 3.17
C VAL A 374 23.18 14.12 3.26
N MET A 375 23.92 13.66 4.27
CA MET A 375 24.27 12.25 4.40
CA MET A 375 24.27 12.25 4.40
C MET A 375 23.97 11.79 5.81
N ILE A 376 23.32 10.64 5.93
CA ILE A 376 23.05 10.01 7.22
C ILE A 376 24.01 8.82 7.33
N PRO A 377 24.97 8.85 8.28
CA PRO A 377 25.97 7.78 8.39
C PRO A 377 25.40 6.54 9.09
N SER A 378 24.62 5.78 8.32
CA SER A 378 23.80 4.72 8.92
C SER A 378 24.64 3.73 9.70
N TYR A 379 25.79 3.32 9.14
CA TYR A 379 26.63 2.35 9.82
C TYR A 379 27.08 2.87 11.19
N ALA A 380 27.62 4.09 11.23
CA ALA A 380 28.04 4.65 12.51
C ALA A 380 26.87 4.77 13.48
N LEU A 381 25.71 5.20 12.98
CA LEU A 381 24.54 5.33 13.85
C LEU A 381 24.12 3.98 14.41
N HIS A 382 24.32 2.90 13.65
CA HIS A 382 23.92 1.58 14.12
C HIS A 382 24.84 1.02 15.19
N ARG A 383 25.90 1.74 15.55
CA ARG A 383 26.84 1.30 16.57
C ARG A 383 27.17 2.40 17.57
N ASP A 384 26.42 3.50 17.57
CA ASP A 384 26.65 4.60 18.50
C ASP A 384 26.38 4.15 19.93
N PRO A 385 27.37 4.21 20.83
CA PRO A 385 27.13 3.76 22.21
C PRO A 385 26.11 4.61 22.97
N LYS A 386 25.80 5.81 22.49
CA LYS A 386 24.80 6.68 23.10
C LYS A 386 23.38 6.30 22.70
N TYR A 387 23.21 5.22 21.93
CA TYR A 387 21.92 4.61 21.62
C TYR A 387 21.83 3.11 21.88
N TRP A 388 22.94 2.36 21.79
CA TRP A 388 22.90 0.91 21.94
C TRP A 388 23.87 0.48 23.03
N THR A 389 23.46 -0.46 23.87
CA THR A 389 24.33 -0.99 24.91
C THR A 389 25.15 -2.14 24.33
N GLU A 390 26.49 -2.07 24.44
CA GLU A 390 27.39 -3.03 23.80
C GLU A 390 27.11 -3.12 22.30
N PRO A 391 27.39 -2.07 21.53
CA PRO A 391 26.92 -2.03 20.14
C PRO A 391 27.54 -3.09 19.24
N GLU A 392 28.76 -3.56 19.54
CA GLU A 392 29.42 -4.51 18.66
C GLU A 392 28.98 -5.95 18.89
N LYS A 393 28.37 -6.25 20.04
CA LYS A 393 27.96 -7.61 20.36
C LYS A 393 26.61 -7.92 19.73
N PHE A 394 26.53 -9.07 19.05
CA PHE A 394 25.26 -9.56 18.51
C PHE A 394 24.32 -9.91 19.65
N LEU A 395 23.21 -9.19 19.75
CA LEU A 395 22.25 -9.37 20.85
C LEU A 395 20.85 -9.13 20.31
N PRO A 396 20.17 -10.19 19.88
CA PRO A 396 18.79 -10.03 19.39
C PRO A 396 17.87 -9.36 20.40
N GLU A 397 18.22 -9.44 21.69
CA GLU A 397 17.35 -8.95 22.74
C GLU A 397 17.19 -7.44 22.74
N ARG A 398 17.96 -6.71 21.94
CA ARG A 398 17.68 -5.29 21.78
C ARG A 398 16.30 -5.07 21.19
N PHE A 399 15.93 -5.86 20.19
CA PHE A 399 14.70 -5.69 19.44
C PHE A 399 13.54 -6.49 20.01
N SER A 400 13.57 -6.85 21.29
CA SER A 400 12.42 -7.49 21.91
C SER A 400 11.35 -6.45 22.19
N LYS A 401 10.09 -6.90 22.19
CA LYS A 401 9.00 -5.97 22.49
C LYS A 401 9.10 -5.43 23.91
N LYS A 402 9.88 -6.07 24.78
CA LYS A 402 10.19 -5.50 26.09
C LYS A 402 11.17 -4.33 25.96
N ASN A 403 11.95 -4.28 24.89
CA ASN A 403 12.97 -3.24 24.71
C ASN A 403 12.85 -2.45 23.42
N LYS A 404 12.08 -2.91 22.43
CA LYS A 404 12.02 -2.20 21.15
C LYS A 404 11.42 -0.80 21.26
N ASP A 405 10.96 -0.37 22.43
CA ASP A 405 10.55 1.02 22.62
C ASP A 405 11.75 1.94 22.74
N ASN A 406 12.90 1.41 23.18
CA ASN A 406 14.08 2.23 23.41
C ASN A 406 14.95 2.26 22.15
N ILE A 407 14.31 2.23 20.98
CA ILE A 407 15.01 2.13 19.71
C ILE A 407 14.44 3.18 18.77
N ASP A 408 15.25 4.19 18.45
CA ASP A 408 14.80 5.31 17.63
C ASP A 408 14.72 4.89 16.16
N PRO A 409 13.56 4.98 15.53
CA PRO A 409 13.41 4.55 14.13
C PRO A 409 14.04 5.50 13.12
N TYR A 410 14.67 6.58 13.56
CA TYR A 410 15.49 7.40 12.69
C TYR A 410 16.97 7.25 12.98
N ILE A 411 17.31 6.40 13.94
CA ILE A 411 18.68 5.91 14.08
C ILE A 411 18.85 4.59 13.35
N TYR A 412 17.85 3.73 13.42
CA TYR A 412 17.89 2.39 12.83
C TYR A 412 16.97 2.38 11.62
N THR A 413 17.56 2.48 10.43
CA THR A 413 16.79 2.53 9.18
C THR A 413 17.46 1.67 8.12
N PRO A 414 17.48 0.35 8.31
CA PRO A 414 18.15 -0.52 7.31
C PRO A 414 17.50 -0.46 5.95
N PHE A 415 16.24 -0.03 5.87
CA PHE A 415 15.52 0.08 4.60
C PHE A 415 15.26 1.53 4.26
N GLY A 416 16.02 2.42 4.85
CA GLY A 416 15.78 3.82 4.68
C GLY A 416 14.46 4.19 5.34
N SER A 417 13.94 5.32 4.88
CA SER A 417 12.74 5.88 5.49
C SER A 417 12.16 6.93 4.55
N GLY A 418 10.89 7.23 4.76
CA GLY A 418 10.20 8.24 3.98
C GLY A 418 9.81 7.75 2.60
N PRO A 419 9.32 8.67 1.77
CA PRO A 419 8.80 8.29 0.45
C PRO A 419 9.78 7.50 -0.41
N ARG A 420 11.08 7.68 -0.22
CA ARG A 420 12.06 7.03 -1.08
C ARG A 420 12.79 5.89 -0.37
N ASN A 421 12.16 5.30 0.64
CA ASN A 421 12.77 4.16 1.32
C ASN A 421 12.74 2.94 0.39
N CYS A 422 13.16 1.79 0.91
CA CYS A 422 13.28 0.59 0.08
C CYS A 422 11.91 0.11 -0.35
N ILE A 423 11.67 0.14 -1.67
CA ILE A 423 10.43 -0.32 -2.28
C ILE A 423 10.27 -1.83 -2.17
N GLY A 424 11.36 -2.58 -2.03
CA GLY A 424 11.28 -3.99 -1.77
C GLY A 424 11.37 -4.43 -0.32
N MET A 425 11.37 -3.51 0.63
CA MET A 425 11.55 -3.88 2.05
C MET A 425 10.69 -5.07 2.47
N ARG A 426 9.36 -4.93 2.37
CA ARG A 426 8.46 -5.95 2.90
C ARG A 426 8.65 -7.29 2.20
N PHE A 427 8.87 -7.27 0.88
CA PHE A 427 9.10 -8.51 0.15
C PHE A 427 10.43 -9.15 0.55
N ALA A 428 11.46 -8.35 0.76
CA ALA A 428 12.77 -8.89 1.11
C ALA A 428 12.76 -9.53 2.50
N LEU A 429 12.13 -8.86 3.47
CA LEU A 429 11.96 -9.44 4.81
C LEU A 429 11.13 -10.72 4.75
N MET A 430 10.20 -10.80 3.81
CA MET A 430 9.46 -12.03 3.61
C MET A 430 10.36 -13.12 3.04
N ASN A 431 11.02 -12.84 1.91
CA ASN A 431 11.83 -13.85 1.25
C ASN A 431 12.91 -14.38 2.18
N MET A 432 13.57 -13.50 2.93
CA MET A 432 14.62 -13.96 3.85
C MET A 432 14.03 -14.82 4.95
N LYS A 433 12.94 -14.37 5.57
CA LYS A 433 12.36 -15.12 6.67
C LYS A 433 11.81 -16.46 6.22
N LEU A 434 11.21 -16.52 5.02
CA LEU A 434 10.72 -17.78 4.50
C LEU A 434 11.85 -18.79 4.34
N ALA A 435 12.99 -18.34 3.82
CA ALA A 435 14.12 -19.25 3.62
C ALA A 435 14.78 -19.62 4.94
N LEU A 436 14.89 -18.66 5.87
CA LEU A 436 15.45 -18.97 7.19
C LEU A 436 14.64 -20.05 7.90
N ILE A 437 13.33 -20.09 7.68
CA ILE A 437 12.48 -21.10 8.30
C ILE A 437 12.76 -22.47 7.69
N ARG A 438 12.69 -22.56 6.37
CA ARG A 438 12.84 -23.84 5.68
C ARG A 438 14.20 -24.48 5.94
N VAL A 439 15.25 -23.66 6.09
CA VAL A 439 16.57 -24.19 6.32
C VAL A 439 16.73 -24.61 7.77
N LEU A 440 16.41 -23.70 8.70
CA LEU A 440 16.57 -24.03 10.11
C LEU A 440 15.70 -25.20 10.54
N GLN A 441 14.62 -25.49 9.80
CA GLN A 441 13.83 -26.68 10.10
C GLN A 441 14.61 -27.96 9.85
N ASN A 442 15.60 -27.89 8.94
CA ASN A 442 16.25 -29.09 8.43
C ASN A 442 17.70 -29.24 8.83
N PHE A 443 18.43 -28.15 9.05
CA PHE A 443 19.86 -28.23 9.31
C PHE A 443 20.25 -27.33 10.48
N SER A 444 21.49 -27.52 10.92
CA SER A 444 22.15 -26.64 11.88
C SER A 444 23.48 -26.22 11.28
N PHE A 445 24.07 -25.18 11.85
CA PHE A 445 25.24 -24.54 11.25
C PHE A 445 26.31 -24.34 12.31
N LYS A 446 27.50 -24.88 12.07
CA LYS A 446 28.64 -24.76 12.96
C LYS A 446 29.82 -24.15 12.20
N PRO A 447 30.70 -23.43 12.90
CA PRO A 447 31.86 -22.84 12.22
C PRO A 447 32.83 -23.92 11.72
N CYS A 448 33.72 -23.49 10.82
CA CYS A 448 34.77 -24.33 10.28
C CYS A 448 36.12 -23.89 10.81
N LYS A 449 37.17 -24.57 10.36
CA LYS A 449 38.53 -24.10 10.62
C LYS A 449 38.81 -22.83 9.84
N GLU A 450 38.29 -22.74 8.62
CA GLU A 450 38.56 -21.63 7.72
C GLU A 450 37.58 -20.48 7.86
N THR A 451 36.52 -20.65 8.64
CA THR A 451 35.55 -19.58 8.86
C THR A 451 36.23 -18.39 9.53
N GLN A 452 36.21 -17.24 8.86
CA GLN A 452 36.92 -16.07 9.35
C GLN A 452 36.26 -15.57 10.63
N ILE A 453 36.92 -15.80 11.77
CA ILE A 453 36.43 -15.36 13.07
C ILE A 453 37.53 -14.58 13.76
N PRO A 454 37.36 -13.28 14.02
CA PRO A 454 36.17 -12.51 13.65
C PRO A 454 36.12 -12.19 12.16
N LEU A 455 34.91 -12.03 11.63
CA LEU A 455 34.72 -11.73 10.22
C LEU A 455 35.19 -10.30 9.93
N LYS A 456 36.19 -10.17 9.08
CA LYS A 456 36.62 -8.85 8.66
C LYS A 456 35.72 -8.35 7.55
N LEU A 457 35.13 -7.17 7.74
CA LEU A 457 34.34 -6.56 6.70
C LEU A 457 35.22 -6.16 5.52
N SER A 458 34.56 -6.12 4.45
CA SER A 458 35.35 -5.71 3.29
C SER A 458 35.79 -4.27 3.44
N LEU A 459 37.09 -4.07 3.71
CA LEU A 459 37.63 -2.74 3.87
C LEU A 459 37.52 -1.92 2.58
N GLY A 460 36.83 -2.49 1.60
CA GLY A 460 36.65 -1.82 0.32
C GLY A 460 35.51 -0.83 0.33
N GLY A 461 34.63 -0.94 -0.66
CA GLY A 461 33.48 -0.06 -0.76
C GLY A 461 32.20 -0.71 -0.26
N LEU A 462 31.60 -1.54 -1.10
CA LEU A 462 30.36 -2.24 -0.74
C LEU A 462 30.49 -2.93 0.61
N LEU A 463 29.36 -3.31 1.18
CA LEU A 463 29.35 -3.99 2.48
C LEU A 463 29.39 -5.50 2.30
N GLN A 464 30.60 -6.05 2.25
CA GLN A 464 30.78 -7.48 2.09
C GLN A 464 31.87 -7.95 3.05
N PRO A 465 32.14 -9.25 3.15
CA PRO A 465 33.31 -9.70 3.92
C PRO A 465 34.55 -9.78 3.03
N GLU A 466 35.70 -9.70 3.69
CA GLU A 466 36.97 -9.95 3.02
C GLU A 466 36.95 -11.37 2.46
N LYS A 467 37.04 -12.36 3.34
CA LYS A 467 36.92 -13.77 2.98
C LYS A 467 35.45 -14.18 2.99
N PRO A 468 35.03 -14.98 2.01
CA PRO A 468 33.64 -15.45 1.98
C PRO A 468 33.27 -16.23 3.23
N VAL A 469 31.97 -16.43 3.40
CA VAL A 469 31.44 -17.10 4.59
C VAL A 469 31.27 -18.58 4.28
N VAL A 470 32.01 -19.41 5.02
CA VAL A 470 31.92 -20.86 4.92
C VAL A 470 31.52 -21.40 6.30
N LEU A 471 30.52 -22.28 6.32
CA LEU A 471 30.05 -22.87 7.57
C LEU A 471 29.76 -24.34 7.35
N LYS A 472 29.96 -25.12 8.40
CA LYS A 472 29.62 -26.54 8.36
C LYS A 472 28.10 -26.71 8.45
N VAL A 473 27.57 -27.67 7.70
CA VAL A 473 26.14 -27.97 7.69
C VAL A 473 25.93 -29.37 8.23
N GLU A 474 24.99 -29.51 9.16
CA GLU A 474 24.67 -30.79 9.77
C GLU A 474 23.17 -31.04 9.70
N SER A 475 22.79 -32.25 9.32
CA SER A 475 21.39 -32.60 9.12
C SER A 475 20.76 -33.07 10.42
N ARG A 476 19.54 -32.61 10.68
CA ARG A 476 18.83 -32.93 11.91
C ARG A 476 18.04 -34.23 11.77
N SER B 9 -37.34 -25.90 3.66
CA SER B 9 -36.26 -25.12 3.08
C SER B 9 -35.47 -24.37 4.15
N HIS B 10 -36.02 -24.32 5.37
CA HIS B 10 -35.36 -23.67 6.50
C HIS B 10 -34.41 -24.61 7.24
N GLY B 11 -34.05 -25.73 6.63
CA GLY B 11 -33.15 -26.68 7.26
C GLY B 11 -31.89 -26.91 6.48
N LEU B 12 -31.57 -25.99 5.56
CA LEU B 12 -30.39 -26.15 4.73
C LEU B 12 -29.12 -26.05 5.57
N PHE B 13 -29.01 -25.01 6.39
CA PHE B 13 -27.81 -24.83 7.18
C PHE B 13 -27.69 -25.86 8.29
N LYS B 14 -28.82 -26.39 8.77
CA LYS B 14 -28.77 -27.52 9.68
C LYS B 14 -28.19 -28.75 8.99
N LYS B 15 -28.52 -28.94 7.70
CA LYS B 15 -27.97 -30.06 6.95
C LYS B 15 -26.46 -29.93 6.75
N LEU B 16 -26.01 -28.76 6.30
CA LEU B 16 -24.60 -28.53 6.00
C LEU B 16 -23.74 -28.40 7.25
N GLY B 17 -24.34 -28.48 8.44
CA GLY B 17 -23.57 -28.30 9.65
C GLY B 17 -23.04 -26.90 9.84
N ILE B 18 -23.71 -25.89 9.28
CA ILE B 18 -23.30 -24.50 9.41
C ILE B 18 -24.18 -23.86 10.48
N PRO B 19 -23.60 -23.34 11.56
CA PRO B 19 -24.43 -22.83 12.67
C PRO B 19 -25.19 -21.57 12.25
N GLY B 20 -26.14 -21.20 13.11
CA GLY B 20 -26.96 -20.03 12.86
C GLY B 20 -28.21 -20.00 13.72
N PRO B 21 -28.80 -18.82 13.87
CA PRO B 21 -30.02 -18.70 14.70
C PRO B 21 -31.18 -19.45 14.07
N THR B 22 -32.01 -20.03 14.93
CA THR B 22 -33.13 -20.81 14.44
C THR B 22 -34.12 -19.90 13.72
N PRO B 23 -34.58 -20.26 12.52
CA PRO B 23 -35.54 -19.41 11.80
C PRO B 23 -36.99 -19.75 12.12
N LEU B 24 -37.78 -18.70 12.37
CA LEU B 24 -39.21 -18.87 12.44
C LEU B 24 -39.78 -19.11 11.05
N PRO B 25 -40.84 -19.90 10.94
CA PRO B 25 -41.43 -20.17 9.63
C PRO B 25 -41.88 -18.90 8.92
N PHE B 26 -41.69 -18.91 7.58
CA PHE B 26 -42.00 -17.79 6.69
C PHE B 26 -41.04 -16.62 6.89
N LEU B 27 -40.88 -16.18 8.13
CA LEU B 27 -40.07 -15.00 8.43
C LEU B 27 -38.57 -15.30 8.41
N GLY B 28 -38.17 -16.52 8.72
CA GLY B 28 -36.75 -16.81 8.80
C GLY B 28 -36.15 -16.17 10.02
N ASN B 29 -35.15 -15.30 9.83
CA ASN B 29 -34.47 -14.63 10.93
C ASN B 29 -34.62 -13.11 10.90
N ILE B 30 -35.56 -12.59 10.12
CA ILE B 30 -35.71 -11.14 9.95
C ILE B 30 -36.09 -10.43 11.23
N LEU B 31 -36.73 -11.13 12.18
CA LEU B 31 -37.09 -10.49 13.44
C LEU B 31 -35.86 -10.06 14.23
N SER B 32 -34.71 -10.66 13.96
CA SER B 32 -33.47 -10.24 14.59
C SER B 32 -32.93 -8.93 14.02
N TYR B 33 -33.52 -8.41 12.94
CA TYR B 33 -33.14 -7.13 12.36
C TYR B 33 -33.69 -5.93 13.13
N HIS B 34 -34.27 -6.14 14.32
CA HIS B 34 -34.85 -5.04 15.07
C HIS B 34 -33.78 -4.02 15.48
N LYS B 35 -32.54 -4.47 15.71
CA LYS B 35 -31.43 -3.58 15.97
C LYS B 35 -30.62 -3.24 14.73
N GLY B 36 -31.14 -3.55 13.54
CA GLY B 36 -30.46 -3.24 12.30
C GLY B 36 -29.60 -4.40 11.81
N PHE B 37 -29.23 -4.32 10.53
CA PHE B 37 -28.36 -5.34 9.94
C PHE B 37 -27.11 -5.53 10.77
N CYS B 38 -26.46 -4.41 11.14
CA CYS B 38 -25.11 -4.47 11.66
C CYS B 38 -25.05 -5.13 13.04
N MET B 39 -25.94 -4.73 13.95
CA MET B 39 -25.93 -5.33 15.28
C MET B 39 -26.23 -6.81 15.22
N PHE B 40 -27.04 -7.24 14.26
CA PHE B 40 -27.31 -8.66 14.09
C PHE B 40 -26.07 -9.40 13.56
N ASP B 41 -25.30 -8.73 12.69
CA ASP B 41 -24.12 -9.37 12.12
C ASP B 41 -23.00 -9.48 13.16
N MET B 42 -22.85 -8.47 14.00
CA MET B 42 -21.81 -8.53 15.03
C MET B 42 -22.13 -9.60 16.07
N GLU B 43 -23.40 -9.68 16.49
CA GLU B 43 -23.81 -10.72 17.43
C GLU B 43 -23.50 -12.11 16.89
N CYS B 44 -23.92 -12.39 15.66
CA CYS B 44 -23.70 -13.71 15.08
C CYS B 44 -22.21 -14.00 14.90
N HIS B 45 -21.44 -12.97 14.52
CA HIS B 45 -20.01 -13.14 14.37
C HIS B 45 -19.37 -13.59 15.68
N LYS B 46 -19.86 -13.07 16.80
CA LYS B 46 -19.40 -13.53 18.10
C LYS B 46 -20.09 -14.84 18.50
N LYS B 47 -21.37 -14.98 18.19
CA LYS B 47 -22.14 -16.11 18.68
C LYS B 47 -21.74 -17.41 18.01
N TYR B 48 -21.37 -17.37 16.74
CA TYR B 48 -21.17 -18.59 15.96
C TYR B 48 -19.76 -18.75 15.42
N GLY B 49 -19.06 -17.67 15.06
CA GLY B 49 -17.69 -17.84 14.61
C GLY B 49 -17.31 -17.29 13.25
N LYS B 50 -16.54 -18.06 12.47
CA LYS B 50 -16.02 -17.54 11.20
C LYS B 50 -17.03 -17.67 10.07
N VAL B 51 -17.96 -18.63 10.17
CA VAL B 51 -18.92 -18.92 9.12
C VAL B 51 -20.24 -19.32 9.75
N TRP B 52 -21.33 -18.70 9.32
CA TRP B 52 -22.65 -19.01 9.83
C TRP B 52 -23.69 -18.72 8.76
N GLY B 53 -24.90 -19.19 9.00
CA GLY B 53 -25.98 -19.01 8.05
C GLY B 53 -27.27 -18.60 8.74
N PHE B 54 -28.04 -17.77 8.05
CA PHE B 54 -29.37 -17.38 8.50
C PHE B 54 -30.26 -17.29 7.27
N TYR B 55 -31.49 -16.79 7.46
CA TYR B 55 -32.46 -16.79 6.38
C TYR B 55 -33.16 -15.43 6.32
N ASP B 56 -33.32 -14.92 5.10
CA ASP B 56 -34.10 -13.71 4.82
C ASP B 56 -35.38 -14.19 4.14
N GLY B 57 -36.30 -14.72 4.95
CA GLY B 57 -37.48 -15.38 4.41
C GLY B 57 -37.16 -16.81 4.05
N GLN B 58 -37.14 -17.13 2.76
CA GLN B 58 -36.70 -18.43 2.28
C GLN B 58 -35.37 -18.37 1.53
N GLN B 59 -34.73 -17.20 1.49
CA GLN B 59 -33.43 -17.07 0.85
C GLN B 59 -32.36 -17.30 1.91
N PRO B 60 -31.63 -18.42 1.88
CA PRO B 60 -30.58 -18.62 2.88
C PRO B 60 -29.37 -17.77 2.56
N VAL B 61 -28.73 -17.29 3.62
CA VAL B 61 -27.60 -16.39 3.50
C VAL B 61 -26.42 -17.00 4.23
N LEU B 62 -25.32 -17.21 3.51
CA LEU B 62 -24.09 -17.73 4.10
C LEU B 62 -23.18 -16.54 4.39
N ALA B 63 -22.94 -16.28 5.67
CA ALA B 63 -22.00 -15.25 6.08
C ALA B 63 -20.61 -15.85 6.22
N ILE B 64 -19.64 -15.25 5.54
CA ILE B 64 -18.26 -15.70 5.56
C ILE B 64 -17.38 -14.54 6.02
N THR B 65 -16.40 -14.86 6.88
CA THR B 65 -15.46 -13.87 7.39
C THR B 65 -14.02 -14.27 7.12
N ASP B 66 -13.78 -15.36 6.40
CA ASP B 66 -12.44 -15.83 6.13
C ASP B 66 -11.85 -15.05 4.97
N PRO B 67 -10.75 -14.32 5.16
CA PRO B 67 -10.22 -13.50 4.05
C PRO B 67 -9.94 -14.30 2.79
N ASP B 68 -9.43 -15.53 2.92
CA ASP B 68 -9.22 -16.38 1.74
C ASP B 68 -10.54 -16.65 1.04
N MET B 69 -11.55 -17.05 1.82
CA MET B 69 -12.88 -17.26 1.26
C MET B 69 -13.44 -15.99 0.65
N ILE B 70 -13.23 -14.84 1.32
CA ILE B 70 -13.74 -13.57 0.81
C ILE B 70 -13.08 -13.25 -0.52
N LYS B 71 -11.76 -13.44 -0.61
CA LYS B 71 -11.04 -13.25 -1.86
C LYS B 71 -11.48 -14.25 -2.92
N THR B 72 -11.82 -15.47 -2.52
CA THR B 72 -12.30 -16.44 -3.51
C THR B 72 -13.64 -16.01 -4.10
N VAL B 73 -14.51 -15.42 -3.29
CA VAL B 73 -15.83 -15.04 -3.78
C VAL B 73 -15.77 -13.72 -4.55
N LEU B 74 -15.05 -12.73 -4.03
CA LEU B 74 -15.07 -11.41 -4.62
C LEU B 74 -14.18 -11.33 -5.86
N VAL B 75 -13.03 -12.00 -5.84
CA VAL B 75 -11.98 -11.82 -6.85
C VAL B 75 -11.80 -13.06 -7.70
N LYS B 76 -11.55 -14.21 -7.06
CA LYS B 76 -11.18 -15.42 -7.79
C LYS B 76 -12.36 -15.95 -8.60
N GLU B 77 -13.35 -16.49 -7.90
CA GLU B 77 -14.45 -17.19 -8.57
C GLU B 77 -15.56 -16.23 -8.93
N CYS B 78 -15.20 -15.00 -9.30
CA CYS B 78 -16.21 -13.99 -9.58
C CYS B 78 -16.93 -14.30 -10.88
N TYR B 79 -16.20 -14.38 -11.98
CA TYR B 79 -16.82 -14.52 -13.30
C TYR B 79 -17.55 -15.85 -13.47
N SER B 80 -17.15 -16.88 -12.73
CA SER B 80 -17.70 -18.20 -12.97
C SER B 80 -18.89 -18.52 -12.07
N VAL B 81 -18.86 -18.05 -10.82
CA VAL B 81 -19.87 -18.44 -9.84
C VAL B 81 -20.53 -17.22 -9.22
N PHE B 82 -19.75 -16.40 -8.54
CA PHE B 82 -20.30 -15.29 -7.76
C PHE B 82 -20.28 -14.00 -8.59
N THR B 83 -21.06 -14.03 -9.67
CA THR B 83 -21.10 -12.92 -10.62
C THR B 83 -22.08 -11.84 -10.18
N ASN B 84 -23.27 -12.23 -9.75
CA ASN B 84 -24.38 -11.30 -9.58
C ASN B 84 -24.67 -11.05 -8.10
N ARG B 85 -25.32 -9.91 -7.86
CA ARG B 85 -25.81 -9.56 -6.54
C ARG B 85 -27.22 -10.10 -6.30
N ARG B 86 -27.68 -9.97 -5.06
CA ARG B 86 -29.01 -10.42 -4.70
C ARG B 86 -30.06 -9.65 -5.50
N PRO B 87 -31.04 -10.32 -6.11
CA PRO B 87 -31.98 -9.62 -6.99
C PRO B 87 -32.79 -8.54 -6.27
N PHE B 88 -33.15 -7.51 -7.02
CA PHE B 88 -33.64 -6.25 -6.47
C PHE B 88 -34.80 -5.78 -7.33
N GLY B 89 -36.02 -5.93 -6.81
CA GLY B 89 -37.20 -5.54 -7.55
C GLY B 89 -38.37 -5.15 -6.65
N PRO B 90 -39.41 -4.53 -7.24
CA PRO B 90 -39.49 -4.19 -8.67
C PRO B 90 -38.75 -2.91 -9.02
N VAL B 91 -38.24 -2.81 -10.25
CA VAL B 91 -37.39 -1.70 -10.65
C VAL B 91 -37.81 -1.14 -12.01
N GLY B 92 -38.64 -1.88 -12.72
CA GLY B 92 -39.17 -1.37 -13.97
C GLY B 92 -38.07 -1.30 -15.02
N PHE B 93 -37.83 -0.11 -15.54
CA PHE B 93 -36.83 0.07 -16.58
C PHE B 93 -35.41 0.17 -16.03
N MET B 94 -35.24 0.28 -14.72
CA MET B 94 -33.91 0.33 -14.11
C MET B 94 -33.25 -1.04 -14.03
N LYS B 95 -33.84 -2.06 -14.65
CA LYS B 95 -33.24 -3.38 -14.67
C LYS B 95 -31.94 -3.41 -15.45
N SER B 96 -31.74 -2.45 -16.35
CA SER B 96 -30.53 -2.35 -17.15
CA SER B 96 -30.52 -2.36 -17.15
C SER B 96 -29.41 -1.57 -16.46
N ALA B 97 -29.67 -1.05 -15.26
CA ALA B 97 -28.60 -0.37 -14.52
C ALA B 97 -27.47 -1.35 -14.24
N ILE B 98 -26.24 -0.87 -14.43
CA ILE B 98 -25.07 -1.76 -14.34
C ILE B 98 -25.04 -2.49 -13.00
N SER B 99 -25.37 -1.79 -11.92
CA SER B 99 -25.25 -2.37 -10.59
C SER B 99 -26.32 -3.44 -10.31
N ILE B 100 -27.39 -3.48 -11.09
CA ILE B 100 -28.39 -4.53 -10.95
C ILE B 100 -28.17 -5.58 -12.02
N ALA B 101 -27.61 -5.16 -13.15
CA ALA B 101 -27.50 -6.03 -14.33
C ALA B 101 -26.74 -7.31 -14.00
N GLU B 102 -27.04 -8.38 -14.75
CA GLU B 102 -26.56 -9.71 -14.44
C GLU B 102 -25.91 -10.36 -15.66
N ASP B 103 -24.92 -11.21 -15.39
CA ASP B 103 -24.30 -12.12 -16.37
C ASP B 103 -23.75 -11.31 -17.54
N GLU B 104 -24.08 -11.65 -18.78
CA GLU B 104 -23.39 -11.05 -19.93
C GLU B 104 -23.74 -9.59 -20.12
N GLU B 105 -24.97 -9.18 -19.77
CA GLU B 105 -25.35 -7.79 -19.96
C GLU B 105 -24.58 -6.87 -19.04
N TRP B 106 -24.16 -7.36 -17.86
CA TRP B 106 -23.36 -6.53 -16.97
C TRP B 106 -21.94 -6.36 -17.50
N LYS B 107 -21.33 -7.45 -17.98
CA LYS B 107 -19.98 -7.39 -18.51
C LYS B 107 -19.91 -6.42 -19.70
N ARG B 108 -20.95 -6.46 -20.53
CA ARG B 108 -21.01 -5.49 -21.62
C ARG B 108 -21.06 -4.06 -21.10
N LEU B 109 -21.79 -3.78 -20.03
CA LEU B 109 -21.93 -2.42 -19.51
C LEU B 109 -20.73 -2.01 -18.66
N ARG B 110 -20.14 -2.95 -17.91
CA ARG B 110 -19.01 -2.62 -17.04
C ARG B 110 -17.81 -2.15 -17.86
N SER B 111 -17.51 -2.86 -18.95
CA SER B 111 -16.42 -2.42 -19.82
C SER B 111 -16.80 -1.14 -20.54
N LEU B 112 -18.10 -0.97 -20.85
CA LEU B 112 -18.56 0.23 -21.54
C LEU B 112 -18.35 1.48 -20.70
N LEU B 113 -18.29 1.35 -19.38
CA LEU B 113 -18.15 2.50 -18.50
C LEU B 113 -16.83 2.54 -17.73
N SER B 114 -16.03 1.48 -17.79
CA SER B 114 -14.73 1.50 -17.10
C SER B 114 -13.83 2.67 -17.52
N PRO B 115 -13.74 3.05 -18.82
CA PRO B 115 -12.85 4.17 -19.18
C PRO B 115 -13.35 5.53 -18.74
N THR B 116 -14.46 5.57 -17.99
CA THR B 116 -14.96 6.84 -17.48
C THR B 116 -14.00 7.44 -16.46
N PHE B 117 -13.48 6.62 -15.55
CA PHE B 117 -12.65 7.15 -14.47
C PHE B 117 -11.20 6.72 -14.59
N THR B 118 -10.61 6.86 -15.78
CA THR B 118 -9.18 6.62 -15.91
C THR B 118 -8.40 7.77 -15.30
N SER B 119 -7.13 7.49 -14.94
CA SER B 119 -6.28 8.52 -14.35
C SER B 119 -6.10 9.72 -15.27
N GLY B 120 -6.26 9.52 -16.58
CA GLY B 120 -6.28 10.62 -17.52
C GLY B 120 -7.58 11.38 -17.47
N LYS B 121 -8.70 10.64 -17.37
CA LYS B 121 -10.00 11.29 -17.25
C LYS B 121 -10.15 11.98 -15.91
N LEU B 122 -9.76 11.31 -14.82
CA LEU B 122 -9.86 11.89 -13.49
C LEU B 122 -9.00 13.14 -13.33
N LYS B 123 -7.84 13.18 -14.00
CA LYS B 123 -7.01 14.38 -13.95
C LYS B 123 -7.66 15.54 -14.70
N GLU B 124 -8.45 15.24 -15.74
CA GLU B 124 -9.22 16.26 -16.45
C GLU B 124 -10.29 16.90 -15.59
N MET B 125 -10.79 16.19 -14.58
CA MET B 125 -11.89 16.68 -13.76
C MET B 125 -11.45 17.56 -12.60
N VAL B 126 -10.16 17.65 -12.32
CA VAL B 126 -9.65 18.44 -11.20
C VAL B 126 -9.90 19.93 -11.43
N PRO B 127 -9.63 20.51 -12.61
CA PRO B 127 -9.98 21.93 -12.82
C PRO B 127 -11.48 22.19 -12.76
N ILE B 128 -12.31 21.20 -13.03
CA ILE B 128 -13.76 21.40 -12.95
C ILE B 128 -14.21 21.36 -11.50
N ILE B 129 -13.74 20.37 -10.73
CA ILE B 129 -14.08 20.27 -9.31
C ILE B 129 -13.53 21.45 -8.53
N ALA B 130 -12.46 22.08 -9.02
CA ALA B 130 -11.88 23.23 -8.34
C ALA B 130 -12.81 24.44 -8.30
N GLN B 131 -13.76 24.53 -9.23
CA GLN B 131 -14.70 25.65 -9.22
C GLN B 131 -15.64 25.58 -8.03
N TYR B 132 -16.38 24.47 -7.90
CA TYR B 132 -17.38 24.33 -6.85
C TYR B 132 -16.80 24.18 -5.45
N GLY B 133 -15.47 24.05 -5.33
CA GLY B 133 -14.85 24.07 -4.01
C GLY B 133 -14.85 25.43 -3.37
N ASP B 134 -14.85 26.49 -4.19
CA ASP B 134 -14.95 27.86 -3.68
C ASP B 134 -16.39 28.25 -3.36
N VAL B 135 -17.35 27.76 -4.14
CA VAL B 135 -18.77 27.95 -3.80
C VAL B 135 -19.09 27.28 -2.48
N LEU B 136 -18.37 26.20 -2.15
CA LEU B 136 -18.55 25.54 -0.86
C LEU B 136 -18.00 26.39 0.28
N VAL B 137 -16.89 27.09 0.05
CA VAL B 137 -16.33 27.95 1.08
C VAL B 137 -17.21 29.17 1.29
N ARG B 138 -17.70 29.76 0.20
CA ARG B 138 -18.57 30.92 0.30
C ARG B 138 -19.89 30.57 0.97
N ASN B 139 -20.51 29.45 0.57
CA ASN B 139 -21.73 29.00 1.23
C ASN B 139 -21.47 28.60 2.69
N LEU B 140 -20.23 28.22 3.02
CA LEU B 140 -19.86 27.99 4.42
C LEU B 140 -19.55 29.29 5.16
N ARG B 141 -18.97 30.28 4.47
CA ARG B 141 -18.62 31.54 5.11
C ARG B 141 -19.85 32.33 5.53
N ARG B 142 -20.96 32.16 4.81
CA ARG B 142 -22.21 32.79 5.22
C ARG B 142 -22.70 32.21 6.55
N GLU B 143 -22.85 30.88 6.60
CA GLU B 143 -23.23 30.21 7.85
C GLU B 143 -22.09 30.16 8.86
N ALA B 144 -20.93 30.75 8.56
CA ALA B 144 -19.84 30.91 9.52
C ALA B 144 -19.77 32.31 10.09
N GLU B 145 -20.02 33.34 9.26
CA GLU B 145 -20.09 34.71 9.77
C GLU B 145 -21.30 34.94 10.66
N THR B 146 -22.36 34.14 10.50
CA THR B 146 -23.51 34.13 11.40
C THR B 146 -23.28 32.83 12.17
N GLY B 147 -23.16 32.94 13.49
CA GLY B 147 -22.82 31.80 14.33
C GLY B 147 -23.99 30.84 14.44
N LYS B 148 -24.36 30.22 13.32
CA LYS B 148 -25.48 29.30 13.24
C LYS B 148 -24.98 27.89 12.97
N PRO B 149 -25.40 26.90 13.75
CA PRO B 149 -24.97 25.51 13.47
C PRO B 149 -25.34 25.09 12.06
N VAL B 150 -24.40 24.41 11.41
CA VAL B 150 -24.49 24.08 9.98
C VAL B 150 -24.84 22.60 9.85
N THR B 151 -25.92 22.30 9.15
CA THR B 151 -26.22 20.93 8.74
C THR B 151 -25.29 20.58 7.58
N LEU B 152 -24.25 19.79 7.89
CA LEU B 152 -23.22 19.50 6.91
C LEU B 152 -23.77 18.76 5.70
N LYS B 153 -24.77 17.90 5.89
CA LYS B 153 -25.30 17.10 4.78
C LYS B 153 -26.05 17.96 3.77
N ASP B 154 -26.61 19.09 4.20
CA ASP B 154 -27.26 19.99 3.25
C ASP B 154 -26.23 20.70 2.38
N VAL B 155 -25.14 21.19 3.00
CA VAL B 155 -24.16 21.95 2.25
C VAL B 155 -23.21 21.03 1.47
N PHE B 156 -22.88 19.86 2.02
CA PHE B 156 -22.07 18.89 1.28
C PHE B 156 -22.85 18.32 0.10
N GLY B 157 -24.13 18.02 0.31
CA GLY B 157 -24.97 17.52 -0.76
C GLY B 157 -25.20 18.54 -1.86
N ALA B 158 -25.29 19.83 -1.50
CA ALA B 158 -25.35 20.86 -2.52
C ALA B 158 -24.05 20.93 -3.32
N TYR B 159 -22.93 20.51 -2.71
CA TYR B 159 -21.64 20.52 -3.39
C TYR B 159 -21.48 19.30 -4.29
N SER B 160 -21.71 18.10 -3.73
CA SER B 160 -21.54 16.88 -4.51
C SER B 160 -22.46 16.83 -5.71
N MET B 161 -23.63 17.46 -5.61
CA MET B 161 -24.55 17.50 -6.74
C MET B 161 -23.97 18.29 -7.90
N ASP B 162 -23.39 19.46 -7.60
CA ASP B 162 -22.82 20.29 -8.66
C ASP B 162 -21.63 19.60 -9.33
N VAL B 163 -20.89 18.79 -8.58
CA VAL B 163 -19.69 18.15 -9.12
C VAL B 163 -20.06 17.01 -10.07
N ILE B 164 -20.97 16.13 -9.65
CA ILE B 164 -21.27 14.95 -10.46
C ILE B 164 -22.04 15.33 -11.72
N THR B 165 -22.80 16.43 -11.68
CA THR B 165 -23.56 16.84 -12.86
C THR B 165 -22.65 17.30 -13.99
N SER B 166 -21.52 17.91 -13.68
CA SER B 166 -20.62 18.41 -14.71
C SER B 166 -19.56 17.39 -15.11
N THR B 167 -19.06 16.61 -14.16
CA THR B 167 -18.00 15.65 -14.45
C THR B 167 -18.47 14.53 -15.39
N SER B 168 -19.75 14.37 -15.49
CA SER B 168 -20.31 13.31 -16.31
C SER B 168 -21.21 13.82 -17.44
N PHE B 169 -21.79 15.00 -17.28
CA PHE B 169 -22.66 15.58 -18.29
C PHE B 169 -22.10 16.90 -18.81
N GLY B 170 -22.46 17.99 -18.13
CA GLY B 170 -22.00 19.31 -18.52
C GLY B 170 -22.87 20.42 -17.96
N VAL B 171 -23.81 20.04 -17.09
CA VAL B 171 -24.72 21.01 -16.50
C VAL B 171 -24.34 21.40 -15.08
N ASN B 172 -24.46 22.69 -14.78
CA ASN B 172 -24.15 23.22 -13.46
C ASN B 172 -25.42 23.71 -12.78
N ILE B 173 -25.30 24.02 -11.48
CA ILE B 173 -26.46 24.50 -10.73
C ILE B 173 -25.82 25.06 -9.47
N ASP B 174 -26.18 26.24 -9.11
CA ASP B 174 -25.63 26.88 -7.92
C ASP B 174 -26.18 26.20 -6.67
N LYS B 188 -31.64 17.89 -7.61
CA LYS B 188 -31.60 16.84 -6.57
C LYS B 188 -32.94 16.41 -5.97
N LYS B 189 -33.90 16.07 -6.82
CA LYS B 189 -35.01 15.26 -6.35
C LYS B 189 -34.53 13.82 -5.99
N LEU B 190 -33.21 13.63 -5.88
CA LEU B 190 -32.60 12.40 -5.39
C LEU B 190 -33.02 12.39 -3.92
N LEU B 191 -34.31 12.21 -3.67
CA LEU B 191 -34.87 11.78 -2.40
C LEU B 191 -35.55 10.42 -2.57
N ARG B 192 -35.35 9.76 -3.70
CA ARG B 192 -35.82 8.41 -3.89
C ARG B 192 -35.03 7.46 -2.98
N PHE B 193 -35.52 6.22 -2.87
CA PHE B 193 -34.83 5.18 -2.11
C PHE B 193 -34.74 5.32 -0.59
N PRO B 198 -41.78 -2.12 5.94
CA PRO B 198 -42.55 -2.25 4.69
C PRO B 198 -42.48 -1.04 3.78
N PHE B 199 -42.60 -1.26 2.47
CA PHE B 199 -42.98 -2.55 1.92
C PHE B 199 -41.79 -3.44 1.53
N PHE B 200 -40.59 -3.05 1.96
CA PHE B 200 -39.42 -3.87 1.66
C PHE B 200 -39.37 -5.11 2.52
N LEU B 201 -39.90 -5.05 3.74
CA LEU B 201 -39.97 -6.24 4.58
C LEU B 201 -40.82 -7.32 3.94
N SER B 202 -41.76 -6.92 3.06
CA SER B 202 -42.62 -7.89 2.39
C SER B 202 -41.88 -8.60 1.26
N ILE B 203 -41.06 -7.87 0.51
CA ILE B 203 -40.46 -8.43 -0.71
C ILE B 203 -39.34 -9.41 -0.34
N THR B 204 -38.42 -8.98 0.53
CA THR B 204 -37.28 -9.82 0.88
C THR B 204 -37.71 -11.12 1.54
N VAL B 205 -38.87 -11.13 2.20
CA VAL B 205 -39.33 -12.29 2.93
C VAL B 205 -40.36 -13.07 2.10
N PHE B 206 -41.11 -12.35 1.27
CA PHE B 206 -42.12 -12.94 0.38
C PHE B 206 -41.77 -12.52 -1.04
N PRO B 207 -41.01 -13.34 -1.77
CA PRO B 207 -40.29 -12.84 -2.94
C PRO B 207 -41.08 -12.90 -4.25
N PHE B 208 -41.96 -13.88 -4.42
CA PHE B 208 -42.67 -13.96 -5.69
C PHE B 208 -43.67 -12.83 -5.89
N LEU B 209 -43.84 -11.95 -4.91
CA LEU B 209 -44.66 -10.76 -5.14
C LEU B 209 -43.96 -9.75 -6.05
N ILE B 210 -42.65 -9.92 -6.29
CA ILE B 210 -41.94 -9.00 -7.16
C ILE B 210 -42.44 -9.06 -8.61
N PRO B 211 -42.55 -10.23 -9.24
CA PRO B 211 -43.09 -10.26 -10.62
C PRO B 211 -44.51 -9.72 -10.71
N ILE B 212 -45.26 -9.69 -9.61
CA ILE B 212 -46.57 -9.07 -9.62
C ILE B 212 -46.43 -7.58 -9.85
N LEU B 213 -45.66 -6.91 -8.99
CA LEU B 213 -45.53 -5.46 -9.06
C LEU B 213 -44.87 -5.03 -10.37
N GLU B 214 -44.06 -5.90 -10.97
CA GLU B 214 -43.39 -5.54 -12.21
C GLU B 214 -44.39 -5.32 -13.33
N VAL B 215 -45.39 -6.20 -13.45
CA VAL B 215 -46.37 -6.09 -14.52
C VAL B 215 -47.32 -4.93 -14.33
N LEU B 216 -47.26 -4.24 -13.19
CA LEU B 216 -48.12 -3.09 -12.91
C LEU B 216 -47.37 -1.78 -12.98
N ASN B 217 -46.16 -1.78 -13.56
CA ASN B 217 -45.29 -0.61 -13.63
C ASN B 217 -44.97 -0.05 -12.24
N ILE B 218 -45.16 -0.86 -11.19
CA ILE B 218 -44.83 -0.43 -9.84
C ILE B 218 -43.32 -0.53 -9.64
N CYS B 219 -42.75 0.46 -8.95
CA CYS B 219 -41.31 0.62 -8.89
C CYS B 219 -40.92 1.13 -7.52
N VAL B 220 -39.88 0.53 -6.94
CA VAL B 220 -39.36 1.00 -5.66
C VAL B 220 -38.79 2.41 -5.78
N PHE B 221 -38.49 2.86 -7.01
CA PHE B 221 -38.14 4.25 -7.27
C PHE B 221 -39.40 4.99 -7.68
N PRO B 222 -39.80 6.05 -6.98
CA PRO B 222 -41.07 6.70 -7.27
C PRO B 222 -41.14 7.23 -8.69
N ARG B 223 -42.38 7.42 -9.17
CA ARG B 223 -42.59 7.87 -10.54
C ARG B 223 -42.13 9.31 -10.75
N GLU B 224 -42.25 10.16 -9.71
CA GLU B 224 -41.86 11.57 -9.88
C GLU B 224 -40.37 11.70 -10.15
N VAL B 225 -39.52 11.06 -9.33
CA VAL B 225 -38.08 11.20 -9.50
C VAL B 225 -37.64 10.62 -10.85
N THR B 226 -38.30 9.54 -11.31
CA THR B 226 -37.91 8.93 -12.57
C THR B 226 -38.25 9.84 -13.75
N ASN B 227 -39.55 10.12 -13.95
CA ASN B 227 -39.96 10.97 -15.06
C ASN B 227 -39.29 12.34 -15.03
N PHE B 228 -38.96 12.84 -13.83
CA PHE B 228 -38.17 14.07 -13.73
C PHE B 228 -36.77 13.86 -14.28
N LEU B 229 -36.10 12.78 -13.85
CA LEU B 229 -34.79 12.45 -14.40
C LEU B 229 -34.88 11.76 -15.76
N ARG B 230 -36.01 11.12 -16.08
CA ARG B 230 -36.18 10.53 -17.41
C ARG B 230 -36.18 11.58 -18.50
N LYS B 231 -36.81 12.73 -18.23
CA LYS B 231 -36.80 13.82 -19.20
C LYS B 231 -35.51 14.64 -19.11
N SER B 232 -35.05 14.95 -17.89
CA SER B 232 -33.92 15.85 -17.71
C SER B 232 -32.72 15.41 -18.53
N VAL B 233 -32.55 14.11 -18.71
CA VAL B 233 -31.43 13.60 -19.52
C VAL B 233 -31.66 13.87 -21.01
N LYS B 234 -32.91 14.03 -21.43
CA LYS B 234 -33.17 14.40 -22.83
C LYS B 234 -32.66 15.80 -23.14
N ARG B 235 -32.86 16.75 -22.22
CA ARG B 235 -32.22 18.04 -22.36
C ARG B 235 -30.71 17.92 -22.44
N MET B 236 -30.15 16.80 -21.98
CA MET B 236 -28.72 16.51 -22.12
C MET B 236 -28.48 15.74 -23.43
N LYS B 237 -28.75 16.44 -24.53
CA LYS B 237 -28.22 16.09 -25.85
C LYS B 237 -27.91 17.36 -26.62
N GLU B 238 -27.28 18.30 -25.93
CA GLU B 238 -26.89 19.56 -26.55
C GLU B 238 -26.00 19.30 -27.76
N VAL B 249 -14.43 15.09 -23.73
CA VAL B 249 -15.01 13.77 -23.55
C VAL B 249 -15.66 13.64 -22.18
N ASP B 250 -16.97 13.36 -22.17
CA ASP B 250 -17.76 13.22 -20.96
C ASP B 250 -18.33 11.82 -20.87
N PHE B 251 -18.83 11.48 -19.69
CA PHE B 251 -19.49 10.19 -19.49
C PHE B 251 -20.65 10.01 -20.45
N LEU B 252 -21.51 11.03 -20.55
CA LEU B 252 -22.56 11.01 -21.56
C LEU B 252 -21.97 11.00 -22.97
N GLN B 253 -20.95 11.82 -23.20
CA GLN B 253 -20.24 11.80 -24.48
C GLN B 253 -19.60 10.45 -24.75
N LEU B 254 -19.29 9.68 -23.70
CA LEU B 254 -18.72 8.34 -23.87
C LEU B 254 -19.77 7.30 -24.23
N MET B 255 -21.06 7.58 -24.00
CA MET B 255 -22.11 6.59 -24.21
C MET B 255 -22.66 6.62 -25.63
N ILE B 256 -22.87 7.80 -26.19
CA ILE B 256 -23.33 7.87 -27.58
C ILE B 256 -22.22 7.46 -28.53
N ASP B 257 -20.97 7.73 -28.17
CA ASP B 257 -19.85 7.29 -29.01
C ASP B 257 -19.73 5.77 -29.00
N SER B 258 -20.22 5.13 -27.94
CA SER B 258 -20.32 3.67 -27.88
C SER B 258 -21.71 3.18 -28.26
N GLN B 259 -22.63 4.09 -28.58
CA GLN B 259 -23.94 3.73 -29.13
C GLN B 259 -23.92 3.79 -30.64
N ASN B 260 -23.54 4.94 -31.21
CA ASN B 260 -23.41 5.14 -32.64
C ASN B 260 -24.67 4.76 -33.41
N ALA B 269 -24.70 -2.34 -28.93
CA ALA B 269 -25.97 -1.66 -29.17
C ALA B 269 -26.59 -1.19 -27.86
N LEU B 270 -26.42 0.10 -27.55
CA LEU B 270 -26.93 0.69 -26.32
C LEU B 270 -28.28 1.36 -26.59
N SER B 271 -29.27 1.06 -25.73
CA SER B 271 -30.59 1.65 -25.88
C SER B 271 -30.60 3.10 -25.40
N ASP B 272 -31.57 3.86 -25.93
CA ASP B 272 -31.79 5.22 -25.46
C ASP B 272 -32.24 5.24 -24.00
N LEU B 273 -33.01 4.24 -23.59
CA LEU B 273 -33.47 4.12 -22.20
C LEU B 273 -32.41 3.57 -21.26
N GLU B 274 -31.59 2.63 -21.73
CA GLU B 274 -30.52 2.11 -20.88
C GLU B 274 -29.56 3.21 -20.49
N LEU B 275 -29.32 4.17 -21.40
CA LEU B 275 -28.41 5.27 -21.10
C LEU B 275 -28.91 6.08 -19.91
N VAL B 276 -30.23 6.27 -19.81
CA VAL B 276 -30.79 7.02 -18.69
C VAL B 276 -30.62 6.24 -17.39
N ALA B 277 -30.84 4.92 -17.43
CA ALA B 277 -30.68 4.11 -16.24
C ALA B 277 -29.26 4.21 -15.68
N GLN B 278 -28.27 4.27 -16.57
CA GLN B 278 -26.88 4.41 -16.11
C GLN B 278 -26.64 5.76 -15.48
N SER B 279 -27.25 6.82 -16.03
CA SER B 279 -27.06 8.16 -15.49
C SER B 279 -27.59 8.25 -14.07
N ILE B 280 -28.83 7.80 -13.87
CA ILE B 280 -29.48 7.78 -12.56
C ILE B 280 -28.59 7.11 -11.52
N ILE B 281 -27.88 6.05 -11.93
CA ILE B 281 -26.91 5.41 -11.02
C ILE B 281 -25.84 6.40 -10.59
N PHE B 282 -25.25 7.12 -11.56
CA PHE B 282 -24.12 7.99 -11.25
C PHE B 282 -24.54 9.20 -10.45
N ILE B 283 -25.70 9.78 -10.76
CA ILE B 283 -26.14 10.99 -10.07
C ILE B 283 -26.43 10.70 -8.61
N PHE B 284 -27.08 9.57 -8.32
CA PHE B 284 -27.36 9.19 -6.95
C PHE B 284 -26.06 8.96 -6.17
N ALA B 285 -25.25 8.00 -6.62
CA ALA B 285 -24.01 7.70 -5.91
C ALA B 285 -23.11 8.93 -5.81
N GLY B 286 -23.11 9.79 -6.81
CA GLY B 286 -22.29 10.98 -6.75
C GLY B 286 -22.74 11.98 -5.72
N TYR B 287 -24.03 11.97 -5.39
CA TYR B 287 -24.59 12.91 -4.42
C TYR B 287 -24.63 12.34 -3.01
N GLU B 288 -25.37 11.23 -2.83
CA GLU B 288 -25.65 10.74 -1.49
C GLU B 288 -24.39 10.25 -0.79
N THR B 289 -23.61 9.40 -1.46
CA THR B 289 -22.45 8.81 -0.82
C THR B 289 -21.35 9.84 -0.59
N THR B 290 -21.11 10.71 -1.57
CA THR B 290 -20.07 11.73 -1.41
C THR B 290 -20.40 12.65 -0.24
N SER B 291 -21.65 13.10 -0.14
CA SER B 291 -22.02 14.00 0.94
C SER B 291 -22.10 13.26 2.28
N SER B 292 -22.51 11.99 2.28
CA SER B 292 -22.68 11.27 3.54
C SER B 292 -21.34 11.02 4.22
N VAL B 293 -20.36 10.50 3.48
CA VAL B 293 -19.05 10.23 4.07
C VAL B 293 -18.38 11.53 4.50
N LEU B 294 -18.52 12.59 3.71
CA LEU B 294 -17.95 13.89 4.09
C LEU B 294 -18.53 14.38 5.40
N SER B 295 -19.83 14.15 5.62
CA SER B 295 -20.43 14.51 6.90
C SER B 295 -19.88 13.66 8.03
N PHE B 296 -19.83 12.33 7.83
CA PHE B 296 -19.23 11.45 8.83
C PHE B 296 -17.80 11.85 9.12
N ILE B 297 -17.07 12.27 8.09
CA ILE B 297 -15.69 12.70 8.28
C ILE B 297 -15.62 13.92 9.18
N MET B 298 -16.49 14.90 8.95
CA MET B 298 -16.42 16.13 9.74
C MET B 298 -16.79 15.88 11.19
N TYR B 299 -17.76 14.99 11.44
CA TYR B 299 -18.11 14.63 12.80
C TYR B 299 -16.91 14.06 13.55
N GLU B 300 -16.11 13.24 12.88
CA GLU B 300 -14.93 12.67 13.53
C GLU B 300 -13.84 13.71 13.76
N LEU B 301 -13.73 14.70 12.87
CA LEU B 301 -12.70 15.73 13.02
C LEU B 301 -13.04 16.70 14.13
N ALA B 302 -14.33 16.92 14.41
CA ALA B 302 -14.71 17.83 15.49
C ALA B 302 -14.62 17.16 16.86
N THR B 303 -14.98 15.87 16.94
CA THR B 303 -14.86 15.11 18.17
C THR B 303 -13.43 14.75 18.52
N HIS B 304 -12.47 15.04 17.64
CA HIS B 304 -11.05 14.82 17.92
C HIS B 304 -10.30 16.06 17.43
N PRO B 305 -10.24 17.12 18.24
CA PRO B 305 -9.63 18.37 17.77
C PRO B 305 -8.16 18.23 17.40
N ASP B 306 -7.42 17.33 18.05
CA ASP B 306 -6.01 17.16 17.72
C ASP B 306 -5.83 16.55 16.32
N VAL B 307 -6.70 15.61 15.94
CA VAL B 307 -6.62 15.01 14.61
C VAL B 307 -6.90 16.04 13.54
N GLN B 308 -7.86 16.95 13.80
CA GLN B 308 -8.15 18.01 12.84
C GLN B 308 -6.99 19.00 12.75
N GLN B 309 -6.26 19.22 13.85
CA GLN B 309 -5.10 20.08 13.82
C GLN B 309 -3.96 19.46 13.00
N LYS B 310 -3.71 18.16 13.22
CA LYS B 310 -2.65 17.49 12.46
C LYS B 310 -2.99 17.41 10.98
N LEU B 311 -4.27 17.29 10.63
CA LEU B 311 -4.64 17.26 9.21
C LEU B 311 -4.58 18.65 8.59
N GLN B 312 -4.97 19.68 9.34
CA GLN B 312 -4.88 21.05 8.83
C GLN B 312 -3.44 21.50 8.68
N GLU B 313 -2.54 21.01 9.53
CA GLU B 313 -1.13 21.38 9.43
C GLU B 313 -0.49 20.77 8.18
N GLU B 314 -0.95 19.60 7.76
CA GLU B 314 -0.39 18.97 6.56
C GLU B 314 -0.91 19.62 5.28
N ILE B 315 -2.17 20.05 5.29
CA ILE B 315 -2.74 20.69 4.10
C ILE B 315 -2.02 22.02 3.83
N ASP B 316 -1.66 22.73 4.90
CA ASP B 316 -0.89 23.97 4.74
C ASP B 316 0.56 23.71 4.34
N ALA B 317 1.08 22.51 4.59
CA ALA B 317 2.45 22.18 4.19
C ALA B 317 2.54 21.81 2.71
N VAL B 318 1.54 21.09 2.21
CA VAL B 318 1.53 20.72 0.79
C VAL B 318 0.99 21.86 -0.07
N LEU B 319 0.01 22.62 0.43
CA LEU B 319 -0.59 23.72 -0.31
C LEU B 319 -0.57 24.99 0.53
N PRO B 320 0.58 25.65 0.65
CA PRO B 320 0.64 26.90 1.41
C PRO B 320 0.03 28.06 0.64
N ASN B 321 -0.26 29.13 1.40
CA ASN B 321 -1.00 30.29 0.89
C ASN B 321 -2.37 29.89 0.35
N LYS B 322 -2.92 28.80 0.90
CA LYS B 322 -4.13 28.19 0.37
C LYS B 322 -3.97 27.88 -1.12
N ALA B 323 -2.86 27.20 -1.44
CA ALA B 323 -2.55 26.89 -2.82
C ALA B 323 -3.61 25.97 -3.41
N PRO B 324 -3.95 26.12 -4.69
CA PRO B 324 -5.02 25.31 -5.29
C PRO B 324 -4.65 23.83 -5.28
N PRO B 325 -5.55 22.98 -4.80
CA PRO B 325 -5.27 21.54 -4.80
C PRO B 325 -5.32 20.97 -6.20
N THR B 326 -4.30 20.20 -6.56
CA THR B 326 -4.19 19.56 -7.86
C THR B 326 -4.22 18.04 -7.70
N TYR B 327 -4.33 17.35 -8.84
CA TYR B 327 -4.44 15.90 -8.84
C TYR B 327 -3.29 15.24 -8.08
N ASP B 328 -2.07 15.79 -8.23
CA ASP B 328 -0.90 15.16 -7.65
C ASP B 328 -0.69 15.54 -6.19
N THR B 329 -1.17 16.71 -5.77
CA THR B 329 -1.08 17.09 -4.36
C THR B 329 -2.07 16.29 -3.50
N VAL B 330 -3.22 15.94 -4.06
CA VAL B 330 -4.20 15.15 -3.31
C VAL B 330 -3.65 13.77 -3.00
N LEU B 331 -3.09 13.11 -4.02
CA LEU B 331 -2.50 11.80 -3.82
C LEU B 331 -1.26 11.85 -2.93
N GLN B 332 -0.68 13.04 -2.75
CA GLN B 332 0.50 13.19 -1.90
C GLN B 332 0.14 13.16 -0.42
N MET B 333 -1.03 13.71 -0.05
CA MET B 333 -1.40 13.83 1.34
C MET B 333 -1.76 12.47 1.92
N GLU B 334 -0.99 12.03 2.92
CA GLU B 334 -1.13 10.70 3.50
C GLU B 334 -2.05 10.67 4.70
N TYR B 335 -1.98 11.68 5.58
CA TYR B 335 -2.89 11.72 6.72
C TYR B 335 -4.32 11.94 6.27
N LEU B 336 -4.52 12.76 5.24
CA LEU B 336 -5.85 12.90 4.64
C LEU B 336 -6.38 11.55 4.16
N ASP B 337 -5.50 10.69 3.65
CA ASP B 337 -5.89 9.35 3.26
C ASP B 337 -6.17 8.47 4.48
N MET B 338 -5.48 8.71 5.60
CA MET B 338 -5.75 7.93 6.81
C MET B 338 -7.04 8.37 7.49
N VAL B 339 -7.34 9.67 7.43
CA VAL B 339 -8.62 10.14 7.96
C VAL B 339 -9.77 9.60 7.12
N VAL B 340 -9.63 9.61 5.79
CA VAL B 340 -10.69 9.10 4.92
C VAL B 340 -10.93 7.62 5.17
N ASN B 341 -9.85 6.86 5.39
CA ASN B 341 -10.01 5.42 5.51
C ASN B 341 -10.52 5.01 6.89
N GLU B 342 -10.05 5.67 7.96
CA GLU B 342 -10.54 5.32 9.28
C GLU B 342 -12.02 5.66 9.43
N THR B 343 -12.46 6.73 8.77
CA THR B 343 -13.89 7.06 8.76
C THR B 343 -14.68 5.99 8.01
N LEU B 344 -14.21 5.61 6.81
CA LEU B 344 -14.86 4.55 6.06
C LEU B 344 -14.76 3.19 6.75
N ARG B 345 -13.77 2.99 7.63
CA ARG B 345 -13.75 1.78 8.46
C ARG B 345 -14.90 1.79 9.46
N LEU B 346 -15.10 2.92 10.14
CA LEU B 346 -16.12 3.02 11.18
C LEU B 346 -17.53 3.09 10.59
N PHE B 347 -17.68 3.70 9.41
CA PHE B 347 -18.98 3.89 8.78
C PHE B 347 -18.96 3.30 7.37
N PRO B 348 -18.84 1.97 7.25
CA PRO B 348 -18.89 1.36 5.93
C PRO B 348 -20.27 1.54 5.32
N ILE B 349 -20.36 2.37 4.28
CA ILE B 349 -21.63 2.63 3.63
C ILE B 349 -22.11 1.38 2.90
N ALA B 350 -21.34 0.30 3.02
CA ALA B 350 -21.69 -1.01 2.49
C ALA B 350 -22.32 -1.93 3.54
N MET B 351 -21.76 -1.95 4.76
CA MET B 351 -22.26 -2.79 5.85
C MET B 351 -21.98 -4.21 5.36
N ARG B 352 -22.58 -4.61 4.24
CA ARG B 352 -22.52 -5.98 3.75
C ARG B 352 -22.16 -5.97 2.27
N LEU B 353 -21.40 -6.98 1.86
CA LEU B 353 -21.17 -7.30 0.46
C LEU B 353 -21.80 -8.66 0.19
N GLU B 354 -22.45 -8.78 -0.96
CA GLU B 354 -23.21 -9.98 -1.30
C GLU B 354 -22.97 -10.39 -2.74
N ARG B 355 -22.94 -11.70 -2.97
CA ARG B 355 -22.90 -12.29 -4.31
C ARG B 355 -23.78 -13.53 -4.30
N VAL B 356 -24.43 -13.81 -5.44
CA VAL B 356 -25.33 -14.96 -5.57
C VAL B 356 -24.56 -16.13 -6.15
N CYS B 357 -24.47 -17.22 -5.39
CA CYS B 357 -23.81 -18.44 -5.85
C CYS B 357 -24.66 -19.09 -6.93
N LYS B 358 -24.17 -19.06 -8.17
CA LYS B 358 -24.98 -19.46 -9.31
C LYS B 358 -24.90 -20.95 -9.64
N LYS B 359 -24.03 -21.70 -8.96
CA LYS B 359 -23.95 -23.15 -9.13
C LYS B 359 -23.18 -23.74 -7.96
N ASP B 360 -23.36 -25.05 -7.76
CA ASP B 360 -22.73 -25.74 -6.64
C ASP B 360 -21.22 -25.63 -6.71
N VAL B 361 -20.60 -25.27 -5.59
CA VAL B 361 -19.14 -25.15 -5.48
C VAL B 361 -18.71 -25.62 -4.12
N GLU B 362 -17.38 -25.78 -3.96
CA GLU B 362 -16.74 -26.17 -2.70
C GLU B 362 -15.50 -25.29 -2.53
N ILE B 363 -15.72 -24.07 -2.04
CA ILE B 363 -14.63 -23.12 -1.86
C ILE B 363 -14.03 -23.30 -0.47
N ASN B 364 -12.70 -23.42 -0.40
CA ASN B 364 -11.96 -23.55 0.85
C ASN B 364 -12.55 -24.65 1.72
N GLY B 365 -12.74 -25.82 1.12
CA GLY B 365 -13.23 -26.99 1.85
C GLY B 365 -14.62 -26.82 2.42
N MET B 366 -15.47 -26.01 1.79
CA MET B 366 -16.82 -25.76 2.27
C MET B 366 -17.77 -25.80 1.08
N PHE B 367 -18.62 -26.82 1.02
CA PHE B 367 -19.60 -26.91 -0.06
C PHE B 367 -20.64 -25.81 0.10
N ILE B 368 -20.93 -25.12 -1.00
CA ILE B 368 -21.93 -24.05 -1.03
C ILE B 368 -22.92 -24.35 -2.14
N PRO B 369 -24.18 -24.64 -1.82
CA PRO B 369 -25.15 -25.02 -2.86
C PRO B 369 -25.49 -23.83 -3.76
N LYS B 370 -26.07 -24.17 -4.92
CA LYS B 370 -26.52 -23.15 -5.86
C LYS B 370 -27.74 -22.42 -5.31
N GLY B 371 -27.74 -21.09 -5.40
CA GLY B 371 -28.82 -20.27 -4.90
C GLY B 371 -28.51 -19.53 -3.61
N VAL B 372 -27.55 -20.01 -2.83
CA VAL B 372 -27.22 -19.34 -1.57
C VAL B 372 -26.64 -17.96 -1.86
N VAL B 373 -27.00 -16.99 -1.03
CA VAL B 373 -26.40 -15.66 -1.09
C VAL B 373 -25.21 -15.67 -0.12
N VAL B 374 -24.00 -15.68 -0.68
CA VAL B 374 -22.80 -15.49 0.12
C VAL B 374 -22.71 -14.02 0.53
N MET B 375 -22.53 -13.78 1.83
CA MET B 375 -22.56 -12.42 2.37
CA MET B 375 -22.56 -12.43 2.36
C MET B 375 -21.30 -12.18 3.19
N ILE B 376 -20.67 -11.03 2.95
CA ILE B 376 -19.48 -10.61 3.71
C ILE B 376 -19.91 -9.51 4.67
N PRO B 377 -19.97 -9.77 5.98
CA PRO B 377 -20.45 -8.76 6.96
C PRO B 377 -19.42 -7.66 7.16
N SER B 378 -19.39 -6.72 6.22
CA SER B 378 -18.33 -5.72 6.17
C SER B 378 -18.29 -4.90 7.46
N TYR B 379 -19.45 -4.48 7.95
CA TYR B 379 -19.50 -3.69 9.18
C TYR B 379 -18.92 -4.45 10.36
N ALA B 380 -19.30 -5.72 10.50
CA ALA B 380 -18.80 -6.51 11.63
C ALA B 380 -17.31 -6.76 11.49
N LEU B 381 -16.83 -6.96 10.26
CA LEU B 381 -15.40 -7.17 10.07
C LEU B 381 -14.59 -5.92 10.39
N HIS B 382 -15.13 -4.74 10.06
CA HIS B 382 -14.49 -3.45 10.33
C HIS B 382 -14.43 -3.11 11.81
N ARG B 383 -14.93 -4.01 12.67
CA ARG B 383 -14.85 -3.80 14.11
C ARG B 383 -14.50 -5.06 14.88
N ASP B 384 -14.01 -6.09 14.21
CA ASP B 384 -13.60 -7.33 14.88
C ASP B 384 -12.38 -7.09 15.76
N PRO B 385 -12.45 -7.35 17.06
CA PRO B 385 -11.27 -7.12 17.92
C PRO B 385 -10.08 -8.02 17.60
N LYS B 386 -10.30 -9.13 16.87
CA LYS B 386 -9.22 -10.02 16.46
C LYS B 386 -8.48 -9.54 15.22
N TYR B 387 -8.82 -8.34 14.72
CA TYR B 387 -8.08 -7.63 13.69
C TYR B 387 -7.75 -6.17 14.02
N TRP B 388 -8.53 -5.48 14.84
CA TRP B 388 -8.30 -4.06 15.14
C TRP B 388 -8.18 -3.88 16.65
N THR B 389 -7.23 -3.05 17.08
CA THR B 389 -7.09 -2.75 18.50
C THR B 389 -7.96 -1.55 18.84
N GLU B 390 -8.79 -1.69 19.89
CA GLU B 390 -9.80 -0.67 20.22
C GLU B 390 -10.63 -0.32 18.99
N PRO B 391 -11.44 -1.26 18.50
CA PRO B 391 -12.10 -1.06 17.19
C PRO B 391 -13.06 0.11 17.16
N GLU B 392 -13.71 0.44 18.28
CA GLU B 392 -14.68 1.52 18.29
C GLU B 392 -14.05 2.90 18.34
N LYS B 393 -12.78 2.99 18.72
CA LYS B 393 -12.15 4.29 18.86
C LYS B 393 -11.63 4.78 17.51
N PHE B 394 -11.95 6.02 17.18
CA PHE B 394 -11.45 6.63 15.94
C PHE B 394 -9.96 6.88 16.08
N LEU B 395 -9.16 6.20 15.28
CA LEU B 395 -7.70 6.29 15.34
C LEU B 395 -7.14 6.21 13.93
N PRO B 396 -6.82 7.34 13.30
CA PRO B 396 -6.23 7.28 11.96
C PRO B 396 -4.88 6.56 11.92
N GLU B 397 -4.20 6.40 13.06
CA GLU B 397 -2.89 5.75 13.11
C GLU B 397 -2.95 4.27 12.78
N ARG B 398 -4.14 3.68 12.61
CA ARG B 398 -4.21 2.31 12.10
C ARG B 398 -3.69 2.22 10.68
N PHE B 399 -3.99 3.24 9.86
CA PHE B 399 -3.68 3.22 8.44
C PHE B 399 -2.39 3.97 8.11
N SER B 400 -1.51 4.14 9.11
CA SER B 400 -0.18 4.69 8.83
C SER B 400 0.66 3.64 8.11
N LYS B 401 1.57 4.10 7.25
CA LYS B 401 2.46 3.17 6.57
C LYS B 401 3.29 2.35 7.55
N LYS B 402 3.53 2.88 8.76
CA LYS B 402 4.19 2.10 9.80
C LYS B 402 3.35 0.90 10.22
N ASN B 403 2.02 1.01 10.07
CA ASN B 403 1.10 -0.03 10.51
C ASN B 403 0.17 -0.57 9.43
N LYS B 404 0.06 0.07 8.26
CA LYS B 404 -0.86 -0.42 7.23
C LYS B 404 -0.47 -1.80 6.68
N ASP B 405 0.63 -2.40 7.13
CA ASP B 405 0.94 -3.77 6.73
C ASP B 405 0.15 -4.79 7.54
N ASN B 406 -0.31 -4.41 8.73
CA ASN B 406 -1.09 -5.28 9.61
C ASN B 406 -2.58 -5.15 9.35
N ILE B 407 -2.97 -4.86 8.11
CA ILE B 407 -4.35 -4.60 7.74
C ILE B 407 -4.70 -5.49 6.55
N ASP B 408 -5.55 -6.47 6.77
CA ASP B 408 -5.93 -7.39 5.70
C ASP B 408 -6.86 -6.70 4.71
N PRO B 409 -6.53 -6.69 3.42
CA PRO B 409 -7.38 -6.03 2.43
C PRO B 409 -8.62 -6.80 2.03
N TYR B 410 -8.89 -7.94 2.67
CA TYR B 410 -10.16 -8.63 2.52
C TYR B 410 -10.99 -8.61 3.80
N ILE B 411 -10.48 -7.99 4.85
CA ILE B 411 -11.30 -7.59 5.97
C ILE B 411 -11.80 -6.16 5.80
N TYR B 412 -10.96 -5.28 5.27
CA TYR B 412 -11.29 -3.87 5.07
C TYR B 412 -11.44 -3.63 3.57
N THR B 413 -12.70 -3.63 3.11
CA THR B 413 -13.01 -3.42 1.69
C THR B 413 -14.15 -2.40 1.58
N PRO B 414 -13.90 -1.15 1.95
CA PRO B 414 -14.99 -0.16 1.95
C PRO B 414 -15.55 0.12 0.56
N PHE B 415 -14.81 -0.20 -0.50
CA PHE B 415 -15.28 -0.09 -1.87
C PHE B 415 -15.50 -1.44 -2.52
N GLY B 416 -15.58 -2.50 -1.70
CA GLY B 416 -15.64 -3.84 -2.20
C GLY B 416 -14.29 -4.32 -2.71
N SER B 417 -14.34 -5.32 -3.59
CA SER B 417 -13.13 -5.92 -4.13
C SER B 417 -13.48 -6.76 -5.36
N GLY B 418 -12.48 -7.00 -6.19
CA GLY B 418 -12.62 -7.84 -7.35
C GLY B 418 -13.17 -7.12 -8.57
N PRO B 419 -13.57 -7.89 -9.59
CA PRO B 419 -14.10 -7.29 -10.82
C PRO B 419 -15.33 -6.44 -10.60
N ARG B 420 -16.13 -6.72 -9.57
CA ARG B 420 -17.36 -6.00 -9.32
C ARG B 420 -17.24 -5.03 -8.14
N ASN B 421 -16.03 -4.54 -7.86
CA ASN B 421 -15.88 -3.55 -6.81
C ASN B 421 -16.43 -2.19 -7.29
N CYS B 422 -16.26 -1.18 -6.44
CA CYS B 422 -16.81 0.14 -6.73
C CYS B 422 -16.17 0.73 -7.99
N ILE B 423 -17.01 0.96 -9.02
CA ILE B 423 -16.50 1.53 -10.27
C ILE B 423 -16.07 2.98 -10.11
N GLY B 424 -16.51 3.67 -9.07
CA GLY B 424 -16.17 5.07 -8.93
C GLY B 424 -15.28 5.31 -7.74
N MET B 425 -14.62 4.25 -7.26
CA MET B 425 -13.83 4.34 -6.05
C MET B 425 -12.80 5.45 -6.14
N ARG B 426 -11.98 5.41 -7.19
CA ARG B 426 -10.91 6.39 -7.31
C ARG B 426 -11.46 7.79 -7.50
N PHE B 427 -12.56 7.94 -8.26
CA PHE B 427 -13.17 9.25 -8.41
C PHE B 427 -13.74 9.75 -7.09
N ALA B 428 -14.34 8.85 -6.31
CA ALA B 428 -14.97 9.25 -5.05
C ALA B 428 -13.92 9.70 -4.05
N LEU B 429 -12.83 8.93 -3.92
CA LEU B 429 -11.73 9.32 -3.05
C LEU B 429 -11.10 10.63 -3.50
N MET B 430 -11.19 10.94 -4.79
CA MET B 430 -10.66 12.21 -5.30
C MET B 430 -11.58 13.36 -4.92
N ASN B 431 -12.88 13.21 -5.17
CA ASN B 431 -13.83 14.30 -4.92
C ASN B 431 -13.88 14.64 -3.43
N MET B 432 -13.83 13.64 -2.56
CA MET B 432 -13.91 13.88 -1.12
C MET B 432 -12.64 14.58 -0.62
N LYS B 433 -11.48 14.06 -1.01
CA LYS B 433 -10.23 14.67 -0.55
C LYS B 433 -10.08 16.10 -1.07
N LEU B 434 -10.51 16.34 -2.31
CA LEU B 434 -10.46 17.70 -2.85
C LEU B 434 -11.26 18.68 -2.00
N ALA B 435 -12.46 18.27 -1.57
CA ALA B 435 -13.31 19.14 -0.77
C ALA B 435 -12.79 19.26 0.65
N LEU B 436 -12.26 18.18 1.22
CA LEU B 436 -11.71 18.24 2.57
C LEU B 436 -10.53 19.20 2.66
N ILE B 437 -9.79 19.35 1.56
CA ILE B 437 -8.67 20.30 1.53
C ILE B 437 -9.20 21.73 1.50
N ARG B 438 -10.09 22.03 0.56
CA ARG B 438 -10.56 23.40 0.38
C ARG B 438 -11.30 23.93 1.61
N VAL B 439 -11.98 23.05 2.36
CA VAL B 439 -12.71 23.48 3.53
C VAL B 439 -11.79 23.64 4.74
N LEU B 440 -10.93 22.63 4.98
CA LEU B 440 -9.99 22.69 6.10
C LEU B 440 -8.95 23.80 5.93
N GLN B 441 -8.74 24.28 4.70
CA GLN B 441 -7.88 25.43 4.50
C GLN B 441 -8.51 26.70 5.05
N ASN B 442 -9.84 26.75 5.14
CA ASN B 442 -10.56 27.97 5.44
C ASN B 442 -11.27 27.97 6.77
N PHE B 443 -11.72 26.83 7.28
CA PHE B 443 -12.55 26.80 8.48
C PHE B 443 -12.06 25.72 9.43
N SER B 444 -12.60 25.78 10.65
CA SER B 444 -12.45 24.74 11.64
C SER B 444 -13.83 24.34 12.14
N PHE B 445 -13.93 23.17 12.75
CA PHE B 445 -15.21 22.58 13.10
C PHE B 445 -15.21 22.15 14.56
N LYS B 446 -16.17 22.70 15.32
CA LYS B 446 -16.37 22.44 16.74
C LYS B 446 -17.78 21.91 16.98
N PRO B 447 -17.97 21.07 17.99
CA PRO B 447 -19.31 20.55 18.28
C PRO B 447 -20.25 21.65 18.75
N CYS B 448 -21.54 21.34 18.68
CA CYS B 448 -22.60 22.22 19.16
C CYS B 448 -23.26 21.59 20.39
N LYS B 449 -24.26 22.30 20.92
CA LYS B 449 -25.07 21.73 21.99
C LYS B 449 -25.94 20.60 21.48
N GLU B 450 -26.46 20.73 20.26
CA GLU B 450 -27.37 19.76 19.68
C GLU B 450 -26.67 18.64 18.92
N THR B 451 -25.34 18.73 18.76
CA THR B 451 -24.59 17.69 18.06
C THR B 451 -24.68 16.38 18.82
N GLN B 452 -25.24 15.36 18.18
CA GLN B 452 -25.47 14.08 18.83
C GLN B 452 -24.15 13.40 19.16
N ILE B 453 -23.77 13.42 20.43
CA ILE B 453 -22.54 12.81 20.91
C ILE B 453 -22.86 11.87 22.06
N PRO B 454 -22.66 10.54 21.91
CA PRO B 454 -22.15 9.90 20.70
C PRO B 454 -23.19 9.81 19.58
N LEU B 455 -22.73 9.81 18.34
CA LEU B 455 -23.61 9.74 17.19
C LEU B 455 -24.27 8.37 17.12
N LYS B 456 -25.60 8.34 17.25
CA LYS B 456 -26.35 7.10 17.07
C LYS B 456 -26.54 6.82 15.59
N LEU B 457 -26.08 5.67 15.13
CA LEU B 457 -26.33 5.28 13.75
C LEU B 457 -27.82 5.02 13.54
N SER B 458 -28.11 5.10 12.35
CA SER B 458 -29.52 4.87 12.05
C SER B 458 -29.84 3.39 12.26
N LEU B 459 -30.59 3.10 13.32
CA LEU B 459 -30.96 1.73 13.64
C LEU B 459 -31.87 1.15 12.55
N GLY B 460 -32.04 1.88 11.47
CA GLY B 460 -32.87 1.44 10.36
C GLY B 460 -32.12 0.53 9.41
N GLY B 461 -32.14 0.86 8.13
CA GLY B 461 -31.47 0.06 7.11
C GLY B 461 -30.20 0.72 6.61
N LEU B 462 -30.36 1.75 5.79
CA LEU B 462 -29.22 2.48 5.24
C LEU B 462 -28.31 3.00 6.34
N LEU B 463 -27.02 3.11 6.04
CA LEU B 463 -26.05 3.59 7.00
C LEU B 463 -26.08 5.12 7.09
N GLN B 464 -26.88 5.63 8.03
CA GLN B 464 -27.01 7.07 8.23
C GLN B 464 -27.05 7.36 9.73
N PRO B 465 -27.05 8.61 10.18
CA PRO B 465 -27.29 8.88 11.61
C PRO B 465 -28.78 9.04 11.90
N GLU B 466 -29.13 8.85 13.18
CA GLU B 466 -30.48 9.10 13.63
C GLU B 466 -30.82 10.57 13.46
N LYS B 467 -30.16 11.43 14.25
CA LYS B 467 -30.25 12.88 14.11
C LYS B 467 -29.17 13.36 13.16
N PRO B 468 -29.48 14.33 12.29
CA PRO B 468 -28.49 14.84 11.34
C PRO B 468 -27.28 15.45 12.04
N VAL B 469 -26.21 15.63 11.28
CA VAL B 469 -24.94 16.11 11.81
C VAL B 469 -24.90 17.62 11.71
N VAL B 470 -24.82 18.29 12.85
CA VAL B 470 -24.72 19.75 12.93
C VAL B 470 -23.44 20.10 13.67
N LEU B 471 -22.64 20.99 13.08
CA LEU B 471 -21.35 21.38 13.65
C LEU B 471 -21.17 22.88 13.54
N LYS B 472 -20.55 23.47 14.56
CA LYS B 472 -20.19 24.88 14.50
C LYS B 472 -19.04 25.07 13.52
N VAL B 473 -19.11 26.15 12.74
CA VAL B 473 -18.09 26.49 11.75
C VAL B 473 -17.45 27.82 12.16
N GLU B 474 -16.13 27.84 12.20
CA GLU B 474 -15.37 29.02 12.57
C GLU B 474 -14.35 29.34 11.47
N SER B 475 -14.27 30.62 11.11
CA SER B 475 -13.41 31.05 10.01
C SER B 475 -12.00 31.33 10.53
N ARG B 476 -11.01 30.87 9.79
CA ARG B 476 -9.61 31.04 10.17
C ARG B 476 -9.06 32.37 9.65
CHA HEM C . 16.37 1.35 -2.07
CHB HEM C . 17.71 -1.42 1.71
CHC HEM C . 16.18 -5.33 -0.68
CHD HEM C . 14.54 -2.59 -4.32
C1A HEM C . 16.89 0.94 -0.84
C2A HEM C . 17.48 1.79 0.19
C3A HEM C . 17.83 1.02 1.22
C4A HEM C . 17.50 -0.35 0.88
CMA HEM C . 18.49 1.47 2.54
CAA HEM C . 17.64 3.32 0.15
CBA HEM C . 16.48 3.89 0.96
CGA HEM C . 16.65 5.37 1.20
O1A HEM C . 15.93 5.87 2.12
O2A HEM C . 17.46 6.03 0.50
C1B HEM C . 17.43 -2.73 1.38
C2B HEM C . 17.73 -3.88 2.20
C3B HEM C . 17.30 -4.97 1.53
C4B HEM C . 16.73 -4.52 0.28
CMB HEM C . 18.41 -3.77 3.58
CAB HEM C . 17.34 -6.47 1.90
CBB HEM C . 17.79 -6.92 3.06
C1C HEM C . 15.56 -4.92 -1.82
C2C HEM C . 14.82 -5.78 -2.73
C3C HEM C . 14.37 -5.06 -3.74
C4C HEM C . 14.79 -3.67 -3.52
CMC HEM C . 14.61 -7.30 -2.55
CAC HEM C . 13.53 -5.68 -4.89
CBC HEM C . 13.14 -5.00 -5.96
C1D HEM C . 14.91 -1.29 -4.02
C2D HEM C . 14.67 -0.13 -4.87
C3D HEM C . 15.15 0.95 -4.26
C4D HEM C . 15.74 0.53 -2.99
CMD HEM C . 13.95 -0.12 -6.24
CAD HEM C . 15.09 2.37 -4.86
CBD HEM C . 14.34 3.33 -3.94
CGD HEM C . 13.96 4.60 -4.66
O1D HEM C . 12.75 4.78 -4.98
O2D HEM C . 14.85 5.45 -4.93
NA HEM C . 16.93 -0.36 -0.38
NB HEM C . 16.83 -3.15 0.21
NC HEM C . 15.52 -3.63 -2.33
ND HEM C . 15.57 -0.86 -2.89
FE HEM C . 16.25 -1.99 -1.35
C10 QDY D . 22.21 3.82 -6.58
C12 QDY D . 21.06 2.28 -4.28
C13 QDY D . 20.59 2.47 -2.84
C14 QDY D . 21.66 2.30 -1.80
C15 QDY D . 22.10 1.02 -1.45
C16 QDY D . 23.08 0.84 -0.48
C17 QDY D . 23.67 1.94 0.14
C18 QDY D . 23.24 3.21 -0.20
C19 QDY D . 22.25 3.38 -1.15
C01 QDY D . 27.91 0.99 -3.34
C02 QDY D . 27.28 2.38 -3.36
C03 QDY D . 26.23 2.47 -2.22
C04 QDY D . 28.38 3.42 -3.06
C06 QDY D . 25.36 2.23 -5.00
C09 QDY D . 23.28 2.69 -6.59
C20 QDY D . 19.98 1.67 -5.14
C23 QDY D . 19.24 -0.11 -6.78
C24 QDY D . 18.92 -1.57 -6.41
C25 QDY D . 19.32 -1.97 -5.03
C26 QDY D . 18.44 -1.92 -3.96
C28 QDY D . 19.98 -2.69 -2.43
C29 QDY D . 20.95 -2.77 -3.43
C30 QDY D . 20.60 -2.41 -4.72
C31 QDY D . 23.65 2.30 -8.07
C32 QDY D . 23.30 0.89 -8.52
C33 QDY D . 22.45 0.62 -9.66
C34 QDY D . 21.88 1.66 -10.44
C35 QDY D . 21.07 1.39 -11.50
C36 QDY D . 20.79 0.07 -11.88
C37 QDY D . 21.31 -0.96 -11.15
C38 QDY D . 22.15 -0.70 -10.04
C39 QDY D . 22.68 -1.78 -9.30
C40 QDY D . 23.49 -1.53 -8.23
C41 QDY D . 23.79 -0.19 -7.85
N08 QDY D . 24.47 3.08 -5.75
N22 QDY D . 20.22 0.53 -5.92
N27 QDY D . 18.73 -2.27 -2.69
O05 QDY D . 26.61 2.72 -4.63
O07 QDY D . 24.98 1.09 -4.74
O21 QDY D . 18.85 2.12 -5.21
S11 QDY D . 21.42 3.94 -4.95
CHA HEM E . -20.46 -0.36 -6.20
CHB HEM E . -18.80 1.75 -2.14
CHC HEM E . -18.93 6.05 -4.39
CHD HEM E . -20.68 3.99 -8.42
C1A HEM E . -19.99 -0.17 -4.91
C2A HEM E . -19.77 -1.20 -3.91
C3A HEM E . -19.32 -0.62 -2.79
C4A HEM E . -19.22 0.80 -3.04
CMA HEM E . -18.95 -1.35 -1.47
CAA HEM E . -20.02 -2.71 -4.09
CBA HEM E . -18.70 -3.44 -4.30
CGA HEM E . -18.90 -4.93 -4.25
O1A HEM E . -17.87 -5.65 -4.16
O2A HEM E . -20.06 -5.40 -4.31
C1B HEM E . -18.66 3.09 -2.42
C2B HEM E . -18.12 4.08 -1.51
C3B HEM E . -18.15 5.27 -2.13
C4B HEM E . -18.72 5.06 -3.44
CMB HEM E . -17.60 3.73 -0.09
CAB HEM E . -17.70 6.68 -1.64
CBB HEM E . -17.14 6.93 -0.45
C1C HEM E . -19.36 5.86 -5.69
C2C HEM E . -19.42 6.88 -6.71
C3C HEM E . -19.89 6.34 -7.84
C4C HEM E . -20.18 4.94 -7.56
CMC HEM E . -18.98 8.35 -6.53
CAC HEM E . -20.10 7.12 -9.16
CBC HEM E . -20.62 6.58 -10.26
C1D HEM E . -20.78 2.64 -8.15
C2D HEM E . -21.30 1.64 -9.07
C3D HEM E . -21.24 0.45 -8.47
C4D HEM E . -20.68 0.63 -7.14
CMD HEM E . -21.82 1.92 -10.49
CAD HEM E . -21.71 -0.86 -9.15
CBD HEM E . -20.61 -1.91 -9.19
CGD HEM E . -21.01 -2.97 -10.17
O1D HEM E . -20.45 -2.99 -11.30
O2D HEM E . -21.89 -3.81 -9.84
NA HEM E . -19.65 1.04 -4.33
NB HEM E . -19.03 3.72 -3.58
NC HEM E . -19.84 4.69 -6.24
ND HEM E . -20.40 1.98 -6.99
FE HEM E . -19.77 2.86 -5.29
C10 QDY F . -28.17 -2.35 -5.33
C12 QDY F . -25.51 -1.15 -4.43
C13 QDY F . -24.17 -1.57 -3.78
C14 QDY F . -24.19 -1.62 -2.30
C15 QDY F . -24.12 -0.44 -1.55
C16 QDY F . -24.15 -0.46 -0.16
C17 QDY F . -24.25 -1.66 0.53
C18 QDY F . -24.32 -2.85 -0.20
C19 QDY F . -24.29 -2.82 -1.58
C01 QDY F . -29.66 -0.37 1.25
C02 QDY F . -29.32 -1.70 0.60
C03 QDY F . -27.79 -1.89 0.61
C04 QDY F . -29.92 -2.82 1.47
C06 QDY F . -29.24 -1.20 -1.86
C09 QDY F . -28.90 -1.26 -4.45
C20 QDY F . -25.30 -0.39 -5.74
C23 QDY F . -25.79 1.65 -7.20
C24 QDY F . -25.24 3.06 -6.94
C25 QDY F . -24.53 3.23 -5.62
C26 QDY F . -23.15 3.05 -5.49
C28 QDY F . -23.11 3.51 -3.23
C29 QDY F . -24.50 3.71 -3.23
C30 QDY F . -25.20 3.57 -4.43
C31 QDY F . -30.14 -0.66 -5.25
C32 QDY F . -30.06 0.82 -5.61
C33 QDY F . -30.22 1.30 -6.96
C34 QDY F . -30.47 0.44 -8.08
C35 QDY F . -30.62 0.91 -9.34
C36 QDY F . -30.54 2.29 -9.62
C37 QDY F . -30.30 3.15 -8.59
C38 QDY F . -30.15 2.68 -7.25
C39 QDY F . -29.91 3.60 -6.20
C40 QDY F . -29.76 3.14 -4.92
C41 QDY F . -29.83 1.75 -4.63
N08 QDY F . -29.30 -1.81 -3.14
N22 QDY F . -25.94 0.84 -5.99
N27 QDY F . -22.44 3.19 -4.36
O05 QDY F . -29.80 -1.83 -0.78
O07 QDY F . -28.66 -0.11 -1.80
O21 QDY F . -24.57 -0.80 -6.64
S11 QDY F . -26.46 -2.70 -4.74
#